data_6PHX
#
_entry.id   6PHX
#
_cell.length_a   91.027
_cell.length_b   127.452
_cell.length_c   151.955
_cell.angle_alpha   90.000
_cell.angle_beta   90.000
_cell.angle_gamma   90.000
#
_symmetry.space_group_name_H-M   'I 2 2 2'
#
loop_
_entity.id
_entity.type
_entity.pdbx_description
1 polymer Alpha-galactosidase
2 branched beta-D-fructofuranose-(2-1)-alpha-D-glucopyranose-(1-6)-alpha-D-galactopyranose
3 non-polymer 'L(+)-TARTARIC ACID'
4 non-polymer 1,2-ETHANEDIOL
5 non-polymer 'ACETATE ION'
6 water water
#
_entity_poly.entity_id   1
_entity_poly.type   'polypeptide(L)'
_entity_poly.pdbx_seq_one_letter_code
;MGSSHHHHHHSSGLVPRGSHMGVRIENNLFYVESKNLSLIIENRNGYLLLKHLGKTIKNYKGSNSVYERDHAFSGNPTAT
NRTFSLDTQRQIFGQHGLGDFRKPTIQVQHSVTEVTDFRFVEAKILKGQNGPQGLPSPHSMDDTETLVLMLEDSKAQLSL
TLYYTTFNNDATIASYSKLDNNSNQEVVIHKDFSFMADFPAADYEIVTLQGAYAREKTVRRQQVEQGIFSISSNRGASGH
AQTPALLLCEQGVTEDAGNVFAIQLMYSGNFEAFVQKNQLNEVRVAIGINPENFSWKLAPEEYFETPVALVTHSDQGLTG
ISHESQNFVLKHIMLSEFSKKERPILINNWEATYFDFQREKLLELADEAKKVGIELFVLDDGWFGNRFDDNRALGDWVVN
EEKLGGSLESLISAIHERGLQFGLWLEPEMISVDSDLYRQHPDWAIQVPGYEHTYSRNQLVLNLANPQVVEYLKSVLDQL
LFYHDIDYIKWNMNRNITKLGNGLTYLETQMQSHQYMLGLYELVSYLTEKHSHILFESCSGGGGRNDLGMMRYFPQVWAS
DNTDAIARLPIQYGSSYLYPTISMGAHVSAVPNHQMGRMTPLETRGLVAMMGNLGYELDLTNLSDEEKATIANQVNLYKE
LRPVVQLGQQYRLINPDTVSNEAAVQFNYGNQTIVTYVRVLSVVETMETTLKLKDLDEEGLYKLQENGEVYSGAELMYAG
LTVILSQGDFLSRQYIFRKL
;
_entity_poly.pdbx_strand_id   A
#
loop_
_chem_comp.id
_chem_comp.type
_chem_comp.name
_chem_comp.formula
ACT non-polymer 'ACETATE ION' 'C2 H3 O2 -1'
EDO non-polymer 1,2-ETHANEDIOL 'C2 H6 O2'
FRU D-saccharide, beta linking beta-D-fructofuranose 'C6 H12 O6'
GLA D-saccharide, alpha linking alpha-D-galactopyranose 'C6 H12 O6'
GLC D-saccharide, alpha linking alpha-D-glucopyranose 'C6 H12 O6'
TLA non-polymer 'L(+)-TARTARIC ACID' 'C4 H6 O6'
#
# COMPACT_ATOMS: atom_id res chain seq x y z
N HIS A 20 14.90 24.67 9.77
CA HIS A 20 15.79 24.32 8.63
C HIS A 20 15.91 22.80 8.47
N MET A 21 15.80 22.36 7.22
CA MET A 21 15.65 20.94 6.92
C MET A 21 16.69 20.50 5.91
N GLY A 22 16.90 19.18 5.82
CA GLY A 22 18.01 18.63 5.06
C GLY A 22 18.93 17.83 5.98
N VAL A 23 20.18 17.67 5.54
CA VAL A 23 21.12 16.79 6.23
C VAL A 23 22.31 17.60 6.74
N ARG A 24 22.75 17.27 7.96
CA ARG A 24 23.85 18.00 8.55
C ARG A 24 24.82 16.98 9.19
N ILE A 25 26.12 17.25 9.04
CA ILE A 25 27.19 16.46 9.65
C ILE A 25 27.94 17.38 10.61
N GLU A 26 27.93 17.04 11.91
CA GLU A 26 28.49 17.92 12.92
C GLU A 26 29.29 17.07 13.91
N ASN A 27 30.61 17.10 13.76
CA ASN A 27 31.52 16.24 14.52
C ASN A 27 31.09 14.80 14.30
N ASN A 28 30.64 14.11 15.35
CA ASN A 28 30.33 12.69 15.16
C ASN A 28 28.82 12.46 15.17
N LEU A 29 28.05 13.53 14.94
CA LEU A 29 26.61 13.42 14.81
C LEU A 29 26.22 13.64 13.35
N PHE A 30 25.26 12.83 12.90
CA PHE A 30 24.60 13.09 11.62
C PHE A 30 23.12 13.40 11.92
N TYR A 31 22.64 14.48 11.33
CA TYR A 31 21.25 14.89 11.50
C TYR A 31 20.54 14.75 10.16
N VAL A 32 19.49 13.93 10.13
CA VAL A 32 18.60 13.81 8.99
C VAL A 32 17.31 14.55 9.34
N GLU A 33 17.06 15.69 8.70
CA GLU A 33 16.04 16.61 9.17
C GLU A 33 14.95 16.83 8.12
N SER A 34 13.85 16.07 8.26
CA SER A 34 12.61 16.33 7.53
C SER A 34 11.75 17.30 8.33
N LYS A 35 10.63 17.70 7.73
CA LYS A 35 9.68 18.55 8.41
C LYS A 35 9.18 17.87 9.69
N ASN A 36 9.51 18.46 10.86
CA ASN A 36 9.03 18.00 12.15
C ASN A 36 9.50 16.58 12.48
N LEU A 37 10.51 16.07 11.79
CA LEU A 37 11.01 14.73 12.11
C LEU A 37 12.51 14.67 11.84
N SER A 38 13.25 14.23 12.87
CA SER A 38 14.70 14.14 12.81
C SER A 38 15.13 12.71 13.17
N LEU A 39 16.16 12.25 12.46
CA LEU A 39 16.96 11.09 12.84
C LEU A 39 18.38 11.58 13.07
N ILE A 40 18.88 11.30 14.29
CA ILE A 40 20.17 11.80 14.73
C ILE A 40 20.98 10.56 15.08
N ILE A 41 22.12 10.39 14.38
CA ILE A 41 22.94 9.19 14.43
C ILE A 41 24.32 9.64 14.90
N GLU A 42 24.95 8.81 15.75
CA GLU A 42 26.28 9.08 16.23
C GLU A 42 27.21 8.00 15.70
N ASN A 43 28.35 8.45 15.17
CA ASN A 43 29.44 7.56 14.83
C ASN A 43 30.31 7.41 16.06
N ARG A 44 30.30 6.20 16.62
CA ARG A 44 31.11 5.88 17.78
C ARG A 44 32.13 4.83 17.35
N ASN A 45 33.31 5.31 16.96
CA ASN A 45 34.43 4.45 16.58
C ASN A 45 34.03 3.44 15.49
N GLY A 46 33.22 3.88 14.53
CA GLY A 46 32.83 3.00 13.44
C GLY A 46 31.45 2.35 13.64
N TYR A 47 30.96 2.32 14.89
CA TYR A 47 29.61 1.82 15.15
C TYR A 47 28.62 2.99 15.04
N LEU A 48 27.45 2.75 14.43
CA LEU A 48 26.44 3.78 14.27
C LEU A 48 25.34 3.62 15.33
N LEU A 49 25.12 4.66 16.13
CA LEU A 49 24.19 4.60 17.23
C LEU A 49 22.98 5.50 16.92
N LEU A 50 21.78 5.00 17.18
CA LEU A 50 20.59 5.82 17.00
C LEU A 50 20.43 6.62 18.30
N LYS A 51 20.62 7.94 18.20
CA LYS A 51 20.53 8.81 19.36
C LYS A 51 19.09 9.32 19.53
N HIS A 52 18.43 9.68 18.43
CA HIS A 52 17.07 10.19 18.52
C HIS A 52 16.37 9.99 17.18
N LEU A 53 15.12 9.52 17.25
CA LEU A 53 14.19 9.54 16.12
C LEU A 53 12.87 10.07 16.65
N GLY A 54 12.44 11.20 16.09
CA GLY A 54 11.23 11.86 16.56
C GLY A 54 11.25 13.34 16.22
N LYS A 55 10.63 14.16 17.07
CA LYS A 55 10.46 15.58 16.77
C LYS A 55 11.82 16.28 16.70
N THR A 56 11.86 17.40 15.98
CA THR A 56 13.09 18.12 15.70
C THR A 56 13.85 18.49 16.97
N ILE A 57 15.14 18.14 17.00
CA ILE A 57 16.06 18.66 18.00
C ILE A 57 17.31 19.20 17.30
N LYS A 58 17.63 20.46 17.56
CA LYS A 58 18.89 21.03 17.13
C LYS A 58 19.84 21.03 18.33
N ASN A 59 21.14 20.99 18.07
CA ASN A 59 22.13 21.14 19.13
C ASN A 59 21.96 20.00 20.14
N TYR A 60 21.79 18.78 19.63
CA TYR A 60 21.49 17.62 20.44
C TYR A 60 22.68 17.31 21.35
N LYS A 61 22.45 17.10 22.65
CA LYS A 61 23.55 16.89 23.58
C LYS A 61 23.64 15.43 24.02
N GLY A 62 22.51 14.73 24.12
CA GLY A 62 22.53 13.32 24.48
C GLY A 62 21.85 13.03 25.82
N SER A 63 20.80 13.79 26.16
CA SER A 63 20.11 13.59 27.43
C SER A 63 19.58 12.15 27.56
N ASN A 64 19.24 11.53 26.43
CA ASN A 64 18.64 10.20 26.41
C ASN A 64 19.62 9.15 25.93
N SER A 65 20.92 9.39 26.12
CA SER A 65 21.94 8.41 25.74
C SER A 65 21.74 7.14 26.56
N VAL A 66 22.12 6.01 25.96
CA VAL A 66 22.14 4.75 26.68
C VAL A 66 23.17 4.87 27.79
N TYR A 67 22.79 4.45 29.00
CA TYR A 67 23.78 4.31 30.06
C TYR A 67 24.55 2.99 29.87
N GLU A 68 25.86 3.12 29.70
CA GLU A 68 26.75 2.01 29.43
C GLU A 68 27.10 1.29 30.73
N ARG A 69 26.67 0.03 30.80
CA ARG A 69 26.70 -0.79 31.98
C ARG A 69 27.16 -2.19 31.57
N ASP A 70 27.75 -2.91 32.52
CA ASP A 70 28.03 -4.33 32.32
C ASP A 70 26.70 -5.06 32.44
N HIS A 71 26.19 -5.56 31.31
CA HIS A 71 24.96 -6.34 31.30
C HIS A 71 25.32 -7.81 31.10
N ALA A 72 24.85 -8.67 32.02
CA ALA A 72 25.37 -10.04 32.00
C ALA A 72 25.03 -10.71 30.67
N PHE A 73 26.01 -11.43 30.10
CA PHE A 73 25.86 -12.19 28.86
C PHE A 73 25.72 -11.29 27.63
N SER A 74 25.94 -9.98 27.81
CA SER A 74 26.05 -9.07 26.68
C SER A 74 27.52 -8.74 26.42
N GLY A 75 28.09 -9.39 25.39
CA GLY A 75 29.52 -9.36 25.11
C GLY A 75 29.98 -8.11 24.39
N ASN A 76 31.29 -8.05 24.13
CA ASN A 76 31.99 -6.81 23.85
C ASN A 76 33.02 -7.00 22.73
N PRO A 77 33.27 -5.97 21.89
CA PRO A 77 34.28 -6.05 20.84
C PRO A 77 35.72 -6.01 21.35
N THR A 78 35.93 -5.60 22.61
CA THR A 78 37.26 -5.65 23.20
C THR A 78 37.17 -6.41 24.53
N ALA A 79 38.31 -6.97 24.95
CA ALA A 79 38.37 -7.81 26.14
C ALA A 79 38.06 -7.03 27.41
N THR A 80 38.57 -5.79 27.50
CA THR A 80 38.71 -5.12 28.79
C THR A 80 37.55 -4.18 29.08
N ASN A 81 36.65 -3.94 28.12
CA ASN A 81 35.57 -3.01 28.36
C ASN A 81 34.23 -3.75 28.28
N ARG A 82 33.67 -4.08 29.45
CA ARG A 82 32.45 -4.88 29.54
C ARG A 82 31.18 -4.04 29.42
N THR A 83 31.31 -2.71 29.36
CA THR A 83 30.15 -1.81 29.41
C THR A 83 29.70 -1.37 28.02
N PHE A 84 30.56 -1.56 27.00
CA PHE A 84 30.16 -1.33 25.61
C PHE A 84 29.78 -2.66 24.95
N SER A 85 28.51 -2.76 24.55
CA SER A 85 28.02 -3.98 23.93
C SER A 85 26.99 -3.66 22.86
N LEU A 86 27.11 -4.32 21.71
CA LEU A 86 26.13 -4.13 20.65
C LEU A 86 24.81 -4.82 21.00
N ASP A 87 24.81 -5.61 22.09
CA ASP A 87 23.60 -6.19 22.63
C ASP A 87 22.77 -5.12 23.33
N THR A 88 23.39 -3.98 23.70
CA THR A 88 22.70 -2.99 24.52
C THR A 88 22.65 -1.58 23.89
N GLN A 89 23.41 -1.33 22.82
CA GLN A 89 23.40 -0.03 22.14
C GLN A 89 22.21 0.01 21.17
N ARG A 90 21.59 1.19 21.05
CA ARG A 90 20.50 1.41 20.10
C ARG A 90 21.10 1.72 18.74
N GLN A 91 20.66 0.99 17.70
CA GLN A 91 21.32 1.01 16.41
C GLN A 91 20.32 1.30 15.29
N ILE A 92 20.83 1.40 14.06
CA ILE A 92 19.99 1.66 12.89
C ILE A 92 20.10 0.51 11.88
N PHE A 93 21.02 -0.42 12.10
CA PHE A 93 21.02 -1.70 11.40
C PHE A 93 21.59 -2.74 12.36
N GLY A 94 21.19 -4.00 12.18
CA GLY A 94 21.46 -5.08 13.10
C GLY A 94 22.28 -6.19 12.43
N GLN A 95 23.36 -6.60 13.11
CA GLN A 95 24.16 -7.74 12.70
C GLN A 95 24.10 -8.83 13.77
N HIS A 96 24.37 -10.05 13.34
CA HIS A 96 24.46 -11.21 14.22
C HIS A 96 25.90 -11.69 14.30
N GLY A 97 26.39 -11.94 15.51
CA GLY A 97 27.71 -12.56 15.66
C GLY A 97 28.74 -11.68 16.36
N LEU A 98 28.37 -10.41 16.63
CA LEU A 98 29.28 -9.41 17.20
C LEU A 98 28.86 -9.10 18.64
N GLY A 99 27.86 -9.85 19.16
CA GLY A 99 27.41 -9.66 20.52
C GLY A 99 25.96 -9.17 20.65
N ASP A 100 25.41 -8.60 19.56
CA ASP A 100 24.00 -8.26 19.54
C ASP A 100 23.20 -9.51 19.15
N PHE A 101 22.23 -9.88 20.00
CA PHE A 101 21.43 -11.08 19.75
C PHE A 101 19.99 -10.74 19.32
N ARG A 102 19.64 -9.45 19.24
CA ARG A 102 18.39 -9.06 18.61
C ARG A 102 18.39 -9.46 17.14
N LYS A 103 17.18 -9.59 16.57
CA LYS A 103 17.04 -10.01 15.18
C LYS A 103 17.84 -9.10 14.25
N PRO A 104 18.70 -9.67 13.37
CA PRO A 104 19.53 -8.89 12.46
C PRO A 104 18.80 -8.48 11.19
N THR A 105 19.27 -7.38 10.57
CA THR A 105 18.65 -6.87 9.37
C THR A 105 19.62 -6.90 8.17
N ILE A 106 20.91 -7.17 8.41
CA ILE A 106 21.87 -7.50 7.37
C ILE A 106 22.63 -8.77 7.75
N GLN A 107 22.68 -9.73 6.84
CA GLN A 107 23.42 -10.96 7.06
C GLN A 107 23.91 -11.48 5.71
N VAL A 108 25.23 -11.57 5.57
CA VAL A 108 25.83 -11.93 4.28
C VAL A 108 26.77 -13.11 4.48
N GLN A 109 26.58 -14.15 3.66
CA GLN A 109 27.48 -15.30 3.66
C GLN A 109 28.66 -14.98 2.74
N HIS A 110 29.87 -15.25 3.23
CA HIS A 110 31.12 -15.04 2.51
C HIS A 110 32.15 -16.01 3.05
N SER A 111 32.80 -16.76 2.16
CA SER A 111 33.73 -17.79 2.59
C SER A 111 32.99 -18.73 3.55
N VAL A 112 33.56 -18.99 4.74
CA VAL A 112 33.06 -20.01 5.63
C VAL A 112 32.10 -19.44 6.70
N THR A 113 31.67 -18.18 6.54
CA THR A 113 30.91 -17.51 7.60
C THR A 113 29.77 -16.66 7.06
N GLU A 114 28.82 -16.31 7.94
CA GLU A 114 27.89 -15.24 7.62
C GLU A 114 27.98 -14.14 8.68
N VAL A 115 29.12 -14.11 9.39
CA VAL A 115 29.49 -12.95 10.20
C VAL A 115 30.08 -11.85 9.32
N THR A 116 29.48 -10.65 9.36
CA THR A 116 30.14 -9.45 8.89
C THR A 116 30.37 -8.50 10.06
N ASP A 117 31.26 -7.53 9.86
CA ASP A 117 31.42 -6.45 10.82
C ASP A 117 31.60 -5.15 10.04
N PHE A 118 30.48 -4.59 9.56
CA PHE A 118 30.52 -3.33 8.83
C PHE A 118 30.79 -2.16 9.77
N ARG A 119 31.79 -1.34 9.40
CA ARG A 119 32.20 -0.20 10.19
C ARG A 119 32.07 1.05 9.34
N PHE A 120 31.55 2.11 9.96
CA PHE A 120 31.42 3.38 9.29
C PHE A 120 32.80 3.88 8.86
N VAL A 121 32.90 4.35 7.62
CA VAL A 121 34.14 4.82 7.04
C VAL A 121 33.98 6.28 6.59
N GLU A 122 32.86 6.62 5.94
CA GLU A 122 32.74 7.94 5.32
C GLU A 122 31.27 8.33 5.13
N ALA A 123 30.97 9.62 5.27
CA ALA A 123 29.64 10.15 5.01
C ALA A 123 29.68 11.16 3.86
N LYS A 124 28.67 11.14 2.99
CA LYS A 124 28.45 12.23 2.05
C LYS A 124 26.97 12.61 2.05
N ILE A 125 26.65 13.74 1.41
CA ILE A 125 25.28 14.23 1.33
C ILE A 125 24.93 14.40 -0.15
N LEU A 126 23.77 13.89 -0.59
CA LEU A 126 23.27 14.14 -1.95
C LEU A 126 22.13 15.15 -1.87
N LYS A 127 21.87 15.84 -2.99
CA LYS A 127 20.69 16.67 -3.12
C LYS A 127 19.84 16.07 -4.23
N GLY A 128 18.50 16.14 -4.08
CA GLY A 128 17.59 15.82 -5.16
C GLY A 128 17.44 14.32 -5.42
N GLN A 129 16.89 14.02 -6.60
CA GLN A 129 16.36 12.73 -6.98
C GLN A 129 17.36 11.62 -6.66
N ASN A 130 16.87 10.52 -6.10
CA ASN A 130 17.77 9.51 -5.60
C ASN A 130 16.96 8.27 -5.24
N GLY A 131 17.40 7.07 -5.65
CA GLY A 131 16.71 5.87 -5.21
C GLY A 131 17.30 4.59 -5.79
N PRO A 132 16.84 3.41 -5.31
CA PRO A 132 17.34 2.13 -5.82
C PRO A 132 16.85 1.94 -7.26
N GLN A 133 17.72 1.37 -8.11
CA GLN A 133 17.40 1.11 -9.50
C GLN A 133 16.45 -0.10 -9.56
N GLY A 134 15.38 0.04 -10.34
CA GLY A 134 14.48 -1.05 -10.68
C GLY A 134 13.40 -1.29 -9.61
N LEU A 135 13.37 -0.44 -8.57
CA LEU A 135 12.41 -0.57 -7.49
C LEU A 135 11.67 0.74 -7.33
N PRO A 136 10.36 0.72 -7.02
CA PRO A 136 9.57 1.94 -6.88
C PRO A 136 10.11 2.81 -5.75
N SER A 137 10.26 4.12 -6.02
CA SER A 137 10.84 5.00 -5.02
C SER A 137 10.20 6.38 -5.13
N PRO A 138 10.35 7.26 -4.10
CA PRO A 138 9.72 8.58 -4.14
C PRO A 138 10.05 9.43 -5.38
N HIS A 139 9.09 10.24 -5.80
CA HIS A 139 9.34 11.23 -6.85
C HIS A 139 9.16 12.62 -6.25
N SER A 140 9.34 13.65 -7.08
CA SER A 140 9.26 15.04 -6.64
C SER A 140 10.23 15.26 -5.48
N MET A 141 11.51 15.05 -5.80
CA MET A 141 12.55 15.04 -4.78
C MET A 141 13.48 16.25 -4.85
N ASP A 142 13.10 17.32 -5.56
CA ASP A 142 13.95 18.50 -5.70
C ASP A 142 14.37 19.08 -4.35
N ASP A 143 13.46 19.01 -3.37
CA ASP A 143 13.70 19.66 -2.08
C ASP A 143 14.07 18.63 -1.03
N THR A 144 14.91 17.68 -1.44
CA THR A 144 15.32 16.64 -0.53
C THR A 144 16.86 16.60 -0.46
N GLU A 145 17.35 16.04 0.65
CA GLU A 145 18.76 15.72 0.80
C GLU A 145 18.83 14.29 1.28
N THR A 146 19.96 13.62 0.97
CA THR A 146 20.10 12.22 1.30
C THR A 146 21.45 12.07 1.99
N LEU A 147 21.41 11.54 3.22
CA LEU A 147 22.62 11.17 3.95
C LEU A 147 23.12 9.82 3.43
N VAL A 148 24.41 9.76 3.09
CA VAL A 148 25.02 8.57 2.53
C VAL A 148 26.06 8.07 3.52
N LEU A 149 25.76 6.95 4.21
CA LEU A 149 26.67 6.43 5.22
C LEU A 149 27.40 5.22 4.65
N MET A 150 28.69 5.41 4.38
CA MET A 150 29.44 4.35 3.75
C MET A 150 30.14 3.51 4.82
N LEU A 151 29.77 2.21 4.86
CA LEU A 151 30.31 1.23 5.79
C LEU A 151 31.13 0.20 5.01
N GLU A 152 32.17 -0.35 5.66
CA GLU A 152 33.00 -1.39 5.06
C GLU A 152 33.31 -2.48 6.07
N ASP A 153 33.37 -3.71 5.56
CA ASP A 153 33.96 -4.81 6.28
C ASP A 153 35.28 -5.13 5.57
N SER A 154 36.39 -4.67 6.15
CA SER A 154 37.66 -4.77 5.45
C SER A 154 38.01 -6.23 5.15
N LYS A 155 37.76 -7.14 6.11
CA LYS A 155 38.13 -8.54 5.98
C LYS A 155 37.36 -9.20 4.84
N ALA A 156 36.03 -8.99 4.81
CA ALA A 156 35.18 -9.64 3.83
C ALA A 156 35.21 -8.89 2.49
N GLN A 157 35.72 -7.66 2.51
CA GLN A 157 35.83 -6.82 1.32
C GLN A 157 34.43 -6.58 0.73
N LEU A 158 33.53 -6.22 1.64
CA LEU A 158 32.18 -5.82 1.29
C LEU A 158 31.98 -4.39 1.76
N SER A 159 31.13 -3.66 1.03
CA SER A 159 30.66 -2.34 1.39
C SER A 159 29.15 -2.40 1.60
N LEU A 160 28.67 -1.72 2.64
CA LEU A 160 27.24 -1.48 2.85
C LEU A 160 27.06 0.04 2.97
N THR A 161 26.18 0.58 2.13
CA THR A 161 25.93 2.01 2.11
C THR A 161 24.47 2.24 2.46
N LEU A 162 24.26 3.04 3.52
CA LEU A 162 22.92 3.39 4.00
C LEU A 162 22.57 4.77 3.49
N TYR A 163 21.32 4.91 3.04
CA TYR A 163 20.77 6.15 2.54
C TYR A 163 19.57 6.52 3.40
N TYR A 164 19.54 7.78 3.87
CA TYR A 164 18.40 8.38 4.55
C TYR A 164 18.08 9.72 3.88
N THR A 165 16.84 9.88 3.40
CA THR A 165 16.43 11.05 2.64
C THR A 165 15.39 11.86 3.41
N THR A 166 15.59 13.18 3.43
CA THR A 166 14.69 14.12 4.07
C THR A 166 13.63 14.59 3.08
N PHE A 167 12.49 15.08 3.60
CA PHE A 167 11.44 15.70 2.80
C PHE A 167 11.07 17.02 3.48
N ASN A 168 10.86 18.08 2.69
CA ASN A 168 10.77 19.39 3.32
C ASN A 168 9.31 19.70 3.66
N ASN A 169 8.40 18.85 3.20
CA ASN A 169 6.97 19.16 3.23
C ASN A 169 6.20 18.05 3.96
N ASP A 170 6.91 17.08 4.54
CA ASP A 170 6.27 15.92 5.17
C ASP A 170 7.17 15.38 6.27
N ALA A 171 6.54 14.91 7.36
CA ALA A 171 7.28 14.28 8.45
C ALA A 171 7.56 12.82 8.11
N THR A 172 8.31 12.59 7.02
CA THR A 172 8.74 11.27 6.58
C THR A 172 10.24 11.33 6.24
N ILE A 173 10.95 10.25 6.59
CA ILE A 173 12.30 9.99 6.13
C ILE A 173 12.27 8.69 5.31
N ALA A 174 12.92 8.65 4.15
CA ALA A 174 13.00 7.45 3.34
C ALA A 174 14.38 6.80 3.51
N SER A 175 14.43 5.46 3.40
CA SER A 175 15.69 4.75 3.58
C SER A 175 15.78 3.54 2.65
N TYR A 176 17.02 3.18 2.31
CA TYR A 176 17.36 1.95 1.62
C TYR A 176 18.87 1.76 1.72
N SER A 177 19.38 0.61 1.25
CA SER A 177 20.80 0.39 1.36
C SER A 177 21.33 -0.22 0.07
N LYS A 178 22.65 -0.11 -0.13
CA LYS A 178 23.31 -0.78 -1.25
C LYS A 178 24.48 -1.58 -0.69
N LEU A 179 24.54 -2.87 -1.09
CA LEU A 179 25.57 -3.79 -0.64
C LEU A 179 26.45 -4.11 -1.86
N ASP A 180 27.74 -3.81 -1.78
CA ASP A 180 28.65 -4.06 -2.88
C ASP A 180 29.58 -5.22 -2.51
N ASN A 181 29.81 -6.13 -3.46
CA ASN A 181 30.80 -7.19 -3.31
C ASN A 181 32.13 -6.74 -3.93
N ASN A 182 33.12 -6.45 -3.07
CA ASN A 182 34.38 -5.93 -3.56
C ASN A 182 35.44 -7.01 -3.45
N SER A 183 35.01 -8.24 -3.14
CA SER A 183 35.91 -9.37 -2.99
C SER A 183 36.04 -10.09 -4.33
N ASN A 184 36.85 -11.14 -4.39
CA ASN A 184 36.86 -11.85 -5.66
C ASN A 184 36.31 -13.27 -5.47
N GLN A 185 35.33 -13.39 -4.56
CA GLN A 185 34.52 -14.60 -4.48
C GLN A 185 33.04 -14.19 -4.49
N GLU A 186 32.20 -15.13 -4.88
CA GLU A 186 30.76 -15.02 -4.77
C GLU A 186 30.37 -14.85 -3.30
N VAL A 187 29.42 -13.95 -3.02
CA VAL A 187 28.85 -13.87 -1.70
C VAL A 187 27.33 -13.98 -1.81
N VAL A 188 26.66 -14.30 -0.69
CA VAL A 188 25.22 -14.53 -0.72
C VAL A 188 24.57 -13.69 0.37
N ILE A 189 23.65 -12.81 -0.02
CA ILE A 189 22.85 -12.08 0.96
C ILE A 189 21.72 -12.99 1.46
N HIS A 190 21.58 -13.07 2.78
CA HIS A 190 20.55 -13.89 3.40
C HIS A 190 19.46 -13.02 4.00
N LYS A 191 19.85 -11.89 4.60
CA LYS A 191 18.91 -10.93 5.16
C LYS A 191 19.33 -9.51 4.77
N ASP A 192 18.36 -8.67 4.40
CA ASP A 192 18.66 -7.29 4.04
C ASP A 192 17.38 -6.47 4.08
N PHE A 193 17.08 -5.91 5.26
CA PHE A 193 15.87 -5.14 5.50
C PHE A 193 16.11 -3.71 5.02
N SER A 194 15.04 -2.92 4.94
CA SER A 194 15.15 -1.58 4.39
C SER A 194 15.21 -0.50 5.47
N PHE A 195 14.74 -0.81 6.68
CA PHE A 195 14.80 0.14 7.78
C PHE A 195 14.73 -0.63 9.11
N MET A 196 15.43 -0.10 10.11
CA MET A 196 15.44 -0.65 11.46
C MET A 196 15.60 0.51 12.45
N ALA A 197 14.90 0.42 13.59
CA ALA A 197 15.19 1.36 14.67
C ALA A 197 15.04 0.68 16.03
N ASP A 198 16.03 0.94 16.91
CA ASP A 198 15.94 0.58 18.32
C ASP A 198 15.36 1.75 19.12
N PHE A 199 14.20 1.52 19.76
CA PHE A 199 13.50 2.51 20.57
C PHE A 199 13.70 2.20 22.05
N PRO A 200 13.78 3.24 22.91
CA PRO A 200 14.06 3.04 24.32
C PRO A 200 12.89 2.29 24.96
N ALA A 201 13.22 1.45 25.95
CA ALA A 201 12.25 0.80 26.81
C ALA A 201 11.21 1.82 27.27
N ALA A 202 9.95 1.47 27.03
CA ALA A 202 8.77 2.23 27.41
C ALA A 202 7.59 1.33 27.09
N ASP A 203 6.37 1.74 27.46
CA ASP A 203 5.22 0.97 27.07
C ASP A 203 4.84 1.40 25.66
N TYR A 204 4.57 0.43 24.78
CA TYR A 204 4.17 0.74 23.42
C TYR A 204 3.01 -0.15 23.00
N GLU A 205 2.21 0.37 22.07
CA GLU A 205 1.24 -0.45 21.38
C GLU A 205 1.62 -0.45 19.90
N ILE A 206 1.10 -1.43 19.16
CA ILE A 206 1.34 -1.44 17.73
C ILE A 206 -0.01 -1.52 17.00
N VAL A 207 -0.07 -0.80 15.87
CA VAL A 207 -1.20 -0.93 14.98
C VAL A 207 -0.70 -1.49 13.64
N THR A 208 -1.40 -2.51 13.13
CA THR A 208 -1.13 -3.08 11.81
C THR A 208 -2.45 -3.22 11.05
N LEU A 209 -2.35 -3.46 9.74
CA LEU A 209 -3.50 -3.74 8.89
C LEU A 209 -3.28 -5.15 8.37
N GLN A 210 -4.20 -6.02 8.76
CA GLN A 210 -4.13 -7.43 8.40
C GLN A 210 -5.44 -7.82 7.71
N GLY A 211 -6.13 -8.81 8.29
CA GLY A 211 -7.40 -9.21 7.70
C GLY A 211 -7.29 -10.46 6.81
N ALA A 212 -8.07 -10.43 5.72
CA ALA A 212 -8.18 -11.56 4.80
C ALA A 212 -8.80 -11.08 3.49
N TYR A 213 -8.75 -11.96 2.47
CA TYR A 213 -9.57 -11.75 1.31
C TYR A 213 -11.01 -11.47 1.75
N ALA A 214 -11.65 -10.48 1.10
CA ALA A 214 -13.00 -10.00 1.39
C ALA A 214 -13.11 -9.38 2.79
N ARG A 215 -11.97 -9.24 3.50
CA ARG A 215 -11.85 -8.57 4.80
C ARG A 215 -10.52 -7.80 4.84
N GLU A 216 -10.17 -7.08 3.78
CA GLU A 216 -8.84 -6.52 3.63
C GLU A 216 -8.62 -5.42 4.67
N LYS A 217 -7.35 -5.33 5.11
CA LYS A 217 -6.74 -4.22 5.82
C LYS A 217 -7.41 -4.05 7.17
N THR A 218 -7.78 -5.16 7.82
CA THR A 218 -8.41 -5.08 9.13
C THR A 218 -7.44 -4.45 10.11
N VAL A 219 -7.89 -3.37 10.75
CA VAL A 219 -7.04 -2.63 11.67
C VAL A 219 -6.88 -3.44 12.95
N ARG A 220 -5.62 -3.77 13.33
CA ARG A 220 -5.33 -4.54 14.53
C ARG A 220 -4.50 -3.69 15.48
N ARG A 221 -4.86 -3.69 16.77
CA ARG A 221 -4.10 -2.96 17.78
C ARG A 221 -3.78 -3.90 18.93
N GLN A 222 -2.53 -3.90 19.39
CA GLN A 222 -2.17 -4.71 20.54
C GLN A 222 -1.00 -4.09 21.29
N GLN A 223 -0.82 -4.57 22.53
CA GLN A 223 0.28 -4.19 23.42
C GLN A 223 1.57 -4.84 22.89
N VAL A 224 2.68 -4.11 22.94
CA VAL A 224 3.98 -4.70 22.70
C VAL A 224 4.37 -5.56 23.91
N GLU A 225 4.70 -6.85 23.67
CA GLU A 225 5.02 -7.82 24.72
C GLU A 225 6.43 -8.37 24.51
N GLN A 226 7.04 -8.82 25.62
CA GLN A 226 8.34 -9.46 25.51
C GLN A 226 8.28 -10.59 24.48
N GLY A 227 9.31 -10.64 23.62
CA GLY A 227 9.38 -11.61 22.54
C GLY A 227 9.29 -10.90 21.20
N ILE A 228 8.86 -11.62 20.16
CA ILE A 228 8.87 -11.10 18.81
C ILE A 228 7.46 -11.21 18.25
N PHE A 229 6.94 -10.08 17.75
CA PHE A 229 5.71 -10.11 16.95
C PHE A 229 6.08 -9.78 15.51
N SER A 230 5.46 -10.50 14.55
CA SER A 230 5.72 -10.16 13.17
C SER A 230 4.49 -10.36 12.29
N ILE A 231 4.41 -9.57 11.21
CA ILE A 231 3.56 -9.86 10.07
C ILE A 231 4.46 -10.04 8.87
N SER A 232 4.07 -10.94 7.96
CA SER A 232 4.92 -11.24 6.83
C SER A 232 4.07 -11.87 5.74
N SER A 233 4.55 -11.72 4.51
CA SER A 233 4.02 -12.49 3.39
C SER A 233 5.13 -13.37 2.83
N ASN A 234 4.79 -14.63 2.57
CA ASN A 234 5.66 -15.53 1.81
C ASN A 234 4.92 -15.99 0.56
N ARG A 235 3.99 -15.14 0.06
CA ARG A 235 3.10 -15.51 -1.04
C ARG A 235 3.61 -14.95 -2.37
N GLY A 236 4.70 -14.17 -2.34
CA GLY A 236 5.26 -13.58 -3.55
C GLY A 236 4.55 -12.28 -3.96
N ALA A 237 3.44 -11.98 -3.27
CA ALA A 237 2.73 -10.70 -3.26
C ALA A 237 2.53 -10.28 -1.80
N SER A 238 2.41 -8.98 -1.56
CA SER A 238 2.21 -8.51 -0.20
C SER A 238 0.99 -9.17 0.45
N GLY A 239 -0.14 -9.32 -0.28
CA GLY A 239 -1.18 -10.22 0.20
C GLY A 239 -2.38 -9.51 0.81
N HIS A 240 -3.52 -10.23 0.85
CA HIS A 240 -4.76 -9.72 1.42
C HIS A 240 -4.66 -9.55 2.93
N ALA A 241 -3.85 -10.40 3.59
CA ALA A 241 -3.94 -10.62 5.03
C ALA A 241 -2.88 -9.83 5.80
N GLN A 242 -1.97 -9.15 5.09
CA GLN A 242 -1.02 -8.27 5.77
C GLN A 242 -0.59 -7.17 4.79
N THR A 243 -0.44 -5.95 5.31
CA THR A 243 0.02 -4.78 4.60
C THR A 243 1.46 -4.47 5.06
N PRO A 244 2.37 -3.98 4.18
CA PRO A 244 3.72 -3.59 4.60
C PRO A 244 3.71 -2.27 5.39
N ALA A 245 3.26 -2.37 6.64
CA ALA A 245 3.16 -1.23 7.53
C ALA A 245 3.18 -1.73 8.97
N LEU A 246 3.85 -0.95 9.82
CA LEU A 246 3.78 -1.20 11.25
C LEU A 246 3.88 0.14 11.97
N LEU A 247 2.94 0.40 12.89
CA LEU A 247 2.85 1.67 13.60
C LEU A 247 3.22 1.40 15.04
N LEU A 248 4.34 1.97 15.49
CA LEU A 248 4.71 1.85 16.90
C LEU A 248 4.20 3.10 17.60
N CYS A 249 3.33 2.90 18.59
CA CYS A 249 2.54 3.98 19.18
C CYS A 249 2.87 4.11 20.68
N GLU A 250 2.87 5.36 21.14
CA GLU A 250 2.87 5.69 22.56
C GLU A 250 1.67 4.98 23.22
N GLN A 251 1.90 4.41 24.42
CA GLN A 251 0.81 3.82 25.18
C GLN A 251 -0.36 4.80 25.25
N GLY A 252 -1.57 4.34 24.94
CA GLY A 252 -2.76 5.14 25.13
C GLY A 252 -3.05 6.12 23.98
N VAL A 253 -2.41 5.89 22.83
CA VAL A 253 -2.66 6.73 21.67
C VAL A 253 -4.15 6.74 21.33
N THR A 254 -4.64 7.90 20.89
CA THR A 254 -6.01 8.04 20.40
C THR A 254 -6.01 8.50 18.94
N GLU A 255 -7.20 8.66 18.35
CA GLU A 255 -7.33 9.30 17.06
C GLU A 255 -6.74 10.70 17.09
N ASP A 256 -6.86 11.41 18.23
CA ASP A 256 -6.50 12.82 18.28
C ASP A 256 -5.15 13.09 18.93
N ALA A 257 -4.59 12.14 19.71
CA ALA A 257 -3.41 12.49 20.50
C ALA A 257 -2.45 11.31 20.69
N GLY A 258 -1.17 11.66 20.88
CA GLY A 258 -0.10 10.70 21.18
C GLY A 258 0.85 10.51 20.00
N ASN A 259 2.06 10.02 20.29
CA ASN A 259 3.06 9.84 19.25
C ASN A 259 2.87 8.50 18.53
N VAL A 260 3.05 8.53 17.20
CA VAL A 260 3.00 7.36 16.34
C VAL A 260 4.18 7.41 15.37
N PHE A 261 4.89 6.29 15.25
CA PHE A 261 5.86 6.15 14.19
C PHE A 261 5.40 5.03 13.27
N ALA A 262 5.12 5.38 12.01
CA ALA A 262 4.73 4.41 10.99
C ALA A 262 5.94 4.04 10.12
N ILE A 263 6.24 2.74 10.06
CA ILE A 263 7.24 2.25 9.13
C ILE A 263 6.50 1.47 8.04
N GLN A 264 6.84 1.77 6.78
CA GLN A 264 6.16 1.16 5.65
C GLN A 264 7.21 0.84 4.58
N LEU A 265 6.84 -0.05 3.63
CA LEU A 265 7.73 -0.51 2.57
C LEU A 265 7.09 -0.31 1.20
N MET A 266 7.85 0.30 0.29
CA MET A 266 7.47 0.45 -1.12
C MET A 266 7.89 -0.81 -1.86
N TYR A 267 7.17 -1.89 -1.63
CA TYR A 267 7.48 -3.17 -2.22
C TYR A 267 6.20 -4.00 -2.21
N SER A 268 6.07 -4.90 -3.19
CA SER A 268 4.79 -5.56 -3.44
C SER A 268 4.94 -7.08 -3.38
N GLY A 269 6.16 -7.56 -3.07
CA GLY A 269 6.44 -8.98 -2.97
C GLY A 269 6.47 -9.48 -1.53
N ASN A 270 7.40 -10.40 -1.23
CA ASN A 270 7.50 -10.96 0.13
C ASN A 270 8.13 -9.93 1.07
N PHE A 271 7.48 -9.70 2.22
CA PHE A 271 8.05 -8.74 3.16
C PHE A 271 7.87 -9.28 4.59
N GLU A 272 8.57 -8.63 5.52
CA GLU A 272 8.33 -8.82 6.95
C GLU A 272 8.42 -7.46 7.64
N ALA A 273 7.49 -7.21 8.58
CA ALA A 273 7.64 -6.18 9.59
C ALA A 273 7.64 -6.85 10.96
N PHE A 274 8.56 -6.46 11.85
CA PHE A 274 8.62 -7.09 13.18
C PHE A 274 8.84 -6.06 14.28
N VAL A 275 8.39 -6.42 15.49
CA VAL A 275 8.71 -5.69 16.71
C VAL A 275 9.25 -6.72 17.68
N GLN A 276 10.46 -6.48 18.19
CA GLN A 276 11.06 -7.36 19.16
C GLN A 276 11.29 -6.58 20.44
N LYS A 277 10.77 -7.12 21.54
N LYS A 277 10.77 -7.12 21.55
CA LYS A 277 11.05 -6.61 22.87
CA LYS A 277 11.07 -6.57 22.86
C LYS A 277 12.01 -7.58 23.55
C LYS A 277 11.99 -7.55 23.60
N ASN A 278 13.24 -7.12 23.82
CA ASN A 278 14.31 -7.98 24.30
C ASN A 278 14.30 -8.07 25.83
N GLN A 279 15.36 -8.65 26.38
CA GLN A 279 15.46 -9.01 27.79
C GLN A 279 15.55 -7.77 28.69
N LEU A 280 15.91 -6.60 28.12
CA LEU A 280 16.06 -5.38 28.90
C LEU A 280 14.84 -4.49 28.75
N ASN A 281 13.83 -4.94 27.98
CA ASN A 281 12.62 -4.18 27.68
C ASN A 281 12.81 -3.23 26.50
N GLU A 282 14.00 -3.21 25.90
CA GLU A 282 14.25 -2.43 24.70
C GLU A 282 13.40 -2.98 23.54
N VAL A 283 13.15 -2.13 22.54
CA VAL A 283 12.25 -2.45 21.44
C VAL A 283 12.92 -2.22 20.09
N ARG A 284 12.98 -3.27 19.25
CA ARG A 284 13.45 -3.11 17.89
C ARG A 284 12.30 -3.22 16.88
N VAL A 285 12.28 -2.33 15.89
CA VAL A 285 11.32 -2.51 14.80
C VAL A 285 12.09 -2.55 13.49
N ALA A 286 11.59 -3.30 12.49
CA ALA A 286 12.20 -3.28 11.17
C ALA A 286 11.17 -3.69 10.12
N ILE A 287 11.41 -3.28 8.86
CA ILE A 287 10.63 -3.74 7.72
C ILE A 287 11.55 -3.93 6.51
N GLY A 288 11.20 -4.90 5.67
CA GLY A 288 11.96 -5.16 4.46
C GLY A 288 11.50 -6.41 3.71
N ILE A 289 12.30 -6.83 2.73
CA ILE A 289 12.16 -8.11 2.07
C ILE A 289 12.18 -9.23 3.12
N ASN A 290 11.24 -10.16 2.98
CA ASN A 290 11.14 -11.30 3.86
C ASN A 290 12.39 -12.15 3.65
N PRO A 291 13.13 -12.52 4.73
CA PRO A 291 14.14 -13.57 4.62
C PRO A 291 13.62 -14.87 4.01
N GLU A 292 12.34 -15.22 4.24
CA GLU A 292 11.78 -16.43 3.64
C GLU A 292 11.70 -16.27 2.12
N ASN A 293 12.11 -17.33 1.39
CA ASN A 293 12.06 -17.34 -0.07
C ASN A 293 13.05 -16.35 -0.70
N PHE A 294 14.07 -15.94 0.07
CA PHE A 294 15.03 -14.96 -0.41
C PHE A 294 16.48 -15.34 -0.06
N SER A 295 17.32 -15.33 -1.09
CA SER A 295 18.77 -15.30 -1.00
C SER A 295 19.25 -14.50 -2.20
N TRP A 296 20.41 -13.85 -2.12
CA TRP A 296 20.84 -13.12 -3.30
C TRP A 296 22.35 -13.28 -3.49
N LYS A 297 22.72 -13.96 -4.59
CA LYS A 297 24.10 -14.13 -5.01
C LYS A 297 24.66 -12.83 -5.59
N LEU A 298 25.88 -12.47 -5.17
CA LEU A 298 26.59 -11.34 -5.75
C LEU A 298 27.94 -11.84 -6.22
N ALA A 299 28.17 -11.75 -7.53
CA ALA A 299 29.48 -12.08 -8.05
C ALA A 299 30.37 -10.86 -7.81
N PRO A 300 31.71 -10.99 -7.92
CA PRO A 300 32.61 -9.86 -7.72
C PRO A 300 32.12 -8.63 -8.49
N GLU A 301 32.13 -7.48 -7.82
N GLU A 301 32.06 -7.51 -7.78
CA GLU A 301 31.76 -6.19 -8.40
CA GLU A 301 31.75 -6.19 -8.33
C GLU A 301 30.25 -5.96 -8.40
C GLU A 301 30.26 -6.04 -8.61
N GLU A 302 29.45 -7.02 -8.19
CA GLU A 302 27.99 -6.86 -8.25
C GLU A 302 27.47 -6.19 -6.98
N TYR A 303 26.29 -5.57 -7.05
CA TYR A 303 25.72 -4.95 -5.86
C TYR A 303 24.23 -5.29 -5.78
N PHE A 304 23.66 -5.07 -4.58
CA PHE A 304 22.24 -5.26 -4.35
C PHE A 304 21.67 -4.05 -3.60
N GLU A 305 20.58 -3.48 -4.13
CA GLU A 305 19.88 -2.40 -3.44
C GLU A 305 18.52 -2.88 -2.95
N THR A 306 18.15 -2.46 -1.73
CA THR A 306 16.91 -2.86 -1.11
C THR A 306 15.80 -1.92 -1.56
N PRO A 307 14.52 -2.34 -1.46
CA PRO A 307 13.41 -1.41 -1.64
C PRO A 307 13.42 -0.30 -0.59
N VAL A 308 12.69 0.78 -0.90
CA VAL A 308 12.63 1.96 -0.07
C VAL A 308 11.66 1.71 1.08
N ALA A 309 12.13 1.96 2.30
CA ALA A 309 11.28 2.02 3.48
C ALA A 309 11.00 3.48 3.81
N LEU A 310 9.89 3.69 4.53
CA LEU A 310 9.54 5.03 4.98
C LEU A 310 9.31 4.98 6.48
N VAL A 311 9.82 6.00 7.18
CA VAL A 311 9.42 6.22 8.56
C VAL A 311 8.74 7.60 8.65
N THR A 312 7.49 7.57 9.15
CA THR A 312 6.62 8.72 9.26
C THR A 312 6.23 8.92 10.71
N HIS A 313 6.05 10.19 11.13
CA HIS A 313 5.81 10.51 12.52
C HIS A 313 4.67 11.50 12.64
N SER A 314 3.84 11.29 13.66
CA SER A 314 2.92 12.32 14.10
C SER A 314 2.84 12.33 15.63
N ASP A 315 2.63 13.51 16.21
CA ASP A 315 2.27 13.57 17.62
C ASP A 315 0.78 13.91 17.75
N GLN A 316 0.00 13.68 16.68
CA GLN A 316 -1.41 14.03 16.70
C GLN A 316 -2.26 12.77 16.56
N GLY A 317 -1.82 11.68 17.20
CA GLY A 317 -2.61 10.46 17.25
C GLY A 317 -2.71 9.77 15.88
N LEU A 318 -3.69 8.86 15.78
CA LEU A 318 -3.83 8.00 14.62
C LEU A 318 -4.38 8.79 13.42
N THR A 319 -5.18 9.83 13.66
CA THR A 319 -5.57 10.73 12.57
C THR A 319 -4.37 11.53 12.09
N GLY A 320 -3.50 11.95 13.01
CA GLY A 320 -2.26 12.59 12.62
C GLY A 320 -1.42 11.71 11.69
N ILE A 321 -1.29 10.41 12.03
CA ILE A 321 -0.44 9.56 11.20
C ILE A 321 -1.13 9.28 9.86
N SER A 322 -2.47 9.16 9.88
CA SER A 322 -3.20 8.96 8.63
C SER A 322 -2.90 10.11 7.68
N HIS A 323 -3.00 11.35 8.19
CA HIS A 323 -2.81 12.52 7.34
C HIS A 323 -1.37 12.60 6.82
N GLU A 324 -0.39 12.35 7.70
CA GLU A 324 1.01 12.40 7.32
C GLU A 324 1.31 11.38 6.22
N SER A 325 0.79 10.17 6.42
CA SER A 325 1.02 9.08 5.49
C SER A 325 0.32 9.36 4.16
N GLN A 326 -0.94 9.82 4.25
CA GLN A 326 -1.69 10.10 3.02
C GLN A 326 -1.02 11.22 2.22
N ASN A 327 -0.62 12.29 2.91
CA ASN A 327 -0.02 13.42 2.23
C ASN A 327 1.27 12.99 1.53
N PHE A 328 2.09 12.18 2.22
CA PHE A 328 3.36 11.79 1.63
C PHE A 328 3.11 10.94 0.39
N VAL A 329 2.16 10.01 0.49
CA VAL A 329 1.78 9.19 -0.65
C VAL A 329 1.31 10.09 -1.78
N LEU A 330 0.46 11.08 -1.50
CA LEU A 330 -0.11 11.88 -2.59
C LEU A 330 0.99 12.69 -3.30
N LYS A 331 1.96 13.20 -2.52
CA LYS A 331 2.95 14.12 -3.04
C LYS A 331 4.16 13.42 -3.64
N HIS A 332 4.51 12.22 -3.15
CA HIS A 332 5.82 11.68 -3.49
C HIS A 332 5.75 10.24 -3.98
N ILE A 333 4.56 9.63 -3.96
CA ILE A 333 4.47 8.26 -4.44
C ILE A 333 3.51 8.21 -5.62
N MET A 334 2.24 8.53 -5.37
CA MET A 334 1.23 8.42 -6.41
C MET A 334 1.64 9.32 -7.58
N LEU A 335 1.38 8.86 -8.82
CA LEU A 335 1.77 9.59 -10.01
C LEU A 335 1.17 11.00 -9.98
N SER A 336 2.02 11.99 -10.26
CA SER A 336 1.64 13.39 -10.32
C SER A 336 0.48 13.61 -11.28
N GLU A 337 0.45 12.85 -12.37
CA GLU A 337 -0.57 13.01 -13.41
C GLU A 337 -1.97 12.75 -12.84
N PHE A 338 -2.07 12.07 -11.69
CA PHE A 338 -3.36 11.57 -11.23
C PHE A 338 -3.63 11.90 -9.77
N SER A 339 -2.58 12.23 -8.99
CA SER A 339 -2.67 12.41 -7.54
C SER A 339 -3.68 13.48 -7.14
N LYS A 340 -3.92 14.48 -8.00
CA LYS A 340 -4.92 15.50 -7.68
C LYS A 340 -5.97 15.59 -8.77
N LYS A 341 -6.15 14.51 -9.55
CA LYS A 341 -7.10 14.52 -10.64
C LYS A 341 -8.34 13.72 -10.25
N GLU A 342 -9.53 14.32 -10.39
CA GLU A 342 -10.76 13.62 -10.06
C GLU A 342 -10.86 12.36 -10.92
N ARG A 343 -11.29 11.24 -10.32
CA ARG A 343 -11.29 9.98 -11.03
C ARG A 343 -12.68 9.73 -11.60
N PRO A 344 -12.79 9.12 -12.81
CA PRO A 344 -14.10 8.91 -13.41
C PRO A 344 -14.98 7.91 -12.66
N ILE A 345 -16.28 8.22 -12.60
CA ILE A 345 -17.27 7.30 -12.09
C ILE A 345 -17.46 6.22 -13.15
N LEU A 346 -17.24 4.97 -12.77
CA LEU A 346 -17.20 3.95 -13.79
C LEU A 346 -18.35 2.96 -13.61
N ILE A 347 -18.63 2.19 -14.68
CA ILE A 347 -19.40 0.97 -14.63
C ILE A 347 -18.44 -0.15 -14.99
N ASN A 348 -18.48 -1.23 -14.19
CA ASN A 348 -17.74 -2.43 -14.46
C ASN A 348 -18.76 -3.56 -14.60
N ASN A 349 -18.60 -4.42 -15.60
CA ASN A 349 -19.62 -5.42 -15.91
C ASN A 349 -19.42 -6.73 -15.14
N TRP A 350 -18.36 -6.84 -14.31
CA TRP A 350 -17.97 -8.14 -13.77
C TRP A 350 -19.09 -8.78 -12.96
N GLU A 351 -19.53 -8.14 -11.87
CA GLU A 351 -20.60 -8.73 -11.07
C GLU A 351 -21.89 -8.71 -11.88
N ALA A 352 -21.92 -7.85 -12.91
CA ALA A 352 -23.10 -7.62 -13.72
C ALA A 352 -23.36 -8.84 -14.62
N THR A 353 -22.31 -9.41 -15.23
CA THR A 353 -22.54 -10.46 -16.22
C THR A 353 -21.61 -11.65 -16.01
N TYR A 354 -20.54 -11.49 -15.22
CA TYR A 354 -19.43 -12.44 -15.22
C TYR A 354 -18.99 -12.65 -16.67
N PHE A 355 -18.77 -13.91 -17.04
CA PHE A 355 -18.24 -14.24 -18.35
C PHE A 355 -19.31 -14.18 -19.45
N ASP A 356 -20.59 -14.13 -19.05
CA ASP A 356 -21.69 -14.29 -19.99
C ASP A 356 -22.15 -12.95 -20.56
N PHE A 357 -21.49 -12.50 -21.64
CA PHE A 357 -21.83 -11.23 -22.27
C PHE A 357 -21.47 -11.33 -23.75
N GLN A 358 -22.04 -10.43 -24.58
CA GLN A 358 -21.59 -10.16 -25.93
C GLN A 358 -21.86 -8.70 -26.29
N ARG A 359 -21.66 -8.32 -27.56
CA ARG A 359 -21.66 -6.92 -27.92
C ARG A 359 -22.99 -6.28 -27.55
N GLU A 360 -24.11 -6.91 -27.92
CA GLU A 360 -25.41 -6.32 -27.65
C GLU A 360 -25.53 -5.95 -26.17
N LYS A 361 -25.27 -6.92 -25.27
CA LYS A 361 -25.37 -6.70 -23.83
C LYS A 361 -24.47 -5.55 -23.39
N LEU A 362 -23.23 -5.48 -23.93
CA LEU A 362 -22.27 -4.45 -23.53
C LEU A 362 -22.80 -3.05 -23.89
N LEU A 363 -23.31 -2.86 -25.11
CA LEU A 363 -23.75 -1.54 -25.54
C LEU A 363 -25.03 -1.11 -24.84
N GLU A 364 -25.91 -2.08 -24.52
CA GLU A 364 -27.11 -1.84 -23.74
C GLU A 364 -26.72 -1.34 -22.35
N LEU A 365 -25.76 -2.03 -21.74
CA LEU A 365 -25.23 -1.58 -20.46
C LEU A 365 -24.61 -0.19 -20.61
N ALA A 366 -23.83 0.04 -21.68
CA ALA A 366 -23.27 1.37 -21.92
C ALA A 366 -24.38 2.41 -22.06
N ASP A 367 -25.43 2.09 -22.82
CA ASP A 367 -26.53 3.03 -22.99
C ASP A 367 -27.07 3.46 -21.63
N GLU A 368 -27.30 2.48 -20.74
CA GLU A 368 -27.89 2.75 -19.45
C GLU A 368 -26.90 3.52 -18.56
N ALA A 369 -25.61 3.19 -18.69
CA ALA A 369 -24.61 3.89 -17.90
C ALA A 369 -24.59 5.35 -18.31
N LYS A 370 -24.72 5.61 -19.63
CA LYS A 370 -24.68 6.98 -20.10
C LYS A 370 -25.87 7.78 -19.56
N LYS A 371 -27.06 7.15 -19.50
CA LYS A 371 -28.27 7.83 -19.06
C LYS A 371 -28.16 8.24 -17.61
N VAL A 372 -27.42 7.46 -16.80
CA VAL A 372 -27.35 7.80 -15.39
C VAL A 372 -26.12 8.67 -15.12
N GLY A 373 -25.37 9.03 -16.17
CA GLY A 373 -24.30 10.01 -16.05
C GLY A 373 -22.94 9.41 -15.67
N ILE A 374 -22.79 8.09 -15.80
CA ILE A 374 -21.53 7.41 -15.58
C ILE A 374 -20.54 7.87 -16.66
N GLU A 375 -19.23 7.82 -16.38
CA GLU A 375 -18.27 8.52 -17.23
C GLU A 375 -17.38 7.55 -17.99
N LEU A 376 -17.20 6.35 -17.43
CA LEU A 376 -16.24 5.40 -17.95
C LEU A 376 -16.88 4.01 -17.90
N PHE A 377 -16.67 3.24 -18.98
CA PHE A 377 -17.17 1.89 -19.11
C PHE A 377 -15.98 0.92 -19.13
N VAL A 378 -15.92 0.04 -18.14
CA VAL A 378 -14.84 -0.95 -18.04
C VAL A 378 -15.37 -2.32 -18.45
N LEU A 379 -14.74 -2.87 -19.50
CA LEU A 379 -14.89 -4.24 -19.94
C LEU A 379 -13.96 -5.14 -19.12
N ASP A 380 -14.57 -6.06 -18.35
CA ASP A 380 -13.84 -6.88 -17.40
C ASP A 380 -13.47 -8.20 -18.06
N ASP A 381 -13.24 -9.26 -17.24
CA ASP A 381 -12.67 -10.53 -17.69
C ASP A 381 -13.59 -11.16 -18.73
N GLY A 382 -13.01 -11.92 -19.66
CA GLY A 382 -13.78 -12.74 -20.61
C GLY A 382 -13.73 -12.27 -22.08
N TRP A 383 -12.98 -11.22 -22.41
CA TRP A 383 -12.98 -10.66 -23.76
C TRP A 383 -11.90 -11.28 -24.66
N PHE A 384 -11.02 -12.11 -24.10
CA PHE A 384 -9.82 -12.56 -24.78
C PHE A 384 -9.84 -14.10 -24.93
N GLY A 385 -9.02 -14.62 -25.86
CA GLY A 385 -8.85 -16.06 -26.03
C GLY A 385 -10.19 -16.79 -26.05
N ASN A 386 -10.25 -17.96 -25.41
CA ASN A 386 -11.53 -18.66 -25.26
C ASN A 386 -11.94 -18.60 -23.79
N ARG A 387 -11.95 -17.37 -23.24
CA ARG A 387 -12.19 -17.17 -21.81
C ARG A 387 -13.68 -17.10 -21.52
N PHE A 388 -14.34 -18.27 -21.52
CA PHE A 388 -15.77 -18.35 -21.28
C PHE A 388 -16.05 -18.68 -19.82
N ASP A 389 -14.98 -19.05 -19.09
CA ASP A 389 -15.00 -19.27 -17.65
C ASP A 389 -13.60 -18.99 -17.10
N ASP A 390 -13.32 -19.43 -15.87
CA ASP A 390 -12.04 -19.08 -15.27
C ASP A 390 -11.12 -20.29 -15.22
N ASN A 391 -11.27 -21.18 -16.22
CA ASN A 391 -10.52 -22.43 -16.29
C ASN A 391 -9.60 -22.46 -17.49
N ARG A 392 -9.50 -21.35 -18.23
CA ARG A 392 -8.64 -21.38 -19.41
C ARG A 392 -8.28 -19.97 -19.86
N ALA A 393 -7.38 -19.89 -20.85
CA ALA A 393 -7.17 -18.74 -21.74
C ALA A 393 -6.26 -17.64 -21.18
N LEU A 394 -5.90 -17.65 -19.87
CA LEU A 394 -4.96 -16.63 -19.39
C LEU A 394 -3.62 -16.80 -20.11
N GLY A 395 -3.06 -15.69 -20.60
CA GLY A 395 -1.86 -15.81 -21.40
C GLY A 395 -2.13 -15.53 -22.88
N ASP A 396 -3.39 -15.71 -23.31
CA ASP A 396 -3.81 -15.52 -24.69
C ASP A 396 -4.52 -14.18 -24.84
N TRP A 397 -3.74 -13.11 -24.99
CA TRP A 397 -4.27 -11.75 -24.99
C TRP A 397 -4.76 -11.33 -26.38
N VAL A 398 -5.51 -12.24 -27.04
CA VAL A 398 -6.04 -12.07 -28.38
C VAL A 398 -7.52 -11.73 -28.24
N VAL A 399 -7.99 -10.67 -28.91
CA VAL A 399 -9.39 -10.26 -28.80
C VAL A 399 -10.32 -11.34 -29.34
N ASN A 400 -11.38 -11.65 -28.59
CA ASN A 400 -12.39 -12.61 -29.05
C ASN A 400 -13.42 -11.82 -29.86
N GLU A 401 -13.16 -11.68 -31.16
CA GLU A 401 -13.95 -10.81 -32.01
C GLU A 401 -15.36 -11.35 -32.18
N GLU A 402 -15.52 -12.68 -32.01
CA GLU A 402 -16.82 -13.28 -32.07
C GLU A 402 -17.67 -12.78 -30.91
N LYS A 403 -17.11 -12.87 -29.69
CA LYS A 403 -17.83 -12.47 -28.50
C LYS A 403 -18.06 -10.96 -28.50
N LEU A 404 -17.07 -10.18 -28.96
CA LEU A 404 -17.22 -8.73 -28.95
C LEU A 404 -17.95 -8.24 -30.21
N GLY A 405 -18.35 -9.18 -31.09
CA GLY A 405 -19.17 -8.83 -32.26
C GLY A 405 -18.42 -7.92 -33.24
N GLY A 406 -17.11 -8.15 -33.37
CA GLY A 406 -16.24 -7.37 -34.24
C GLY A 406 -14.93 -7.04 -33.51
N SER A 407 -14.13 -6.13 -34.08
CA SER A 407 -12.85 -5.77 -33.48
C SER A 407 -13.09 -5.05 -32.15
N LEU A 408 -12.08 -5.08 -31.28
CA LEU A 408 -12.09 -4.28 -30.07
C LEU A 408 -12.14 -2.80 -30.45
N GLU A 409 -11.47 -2.46 -31.56
CA GLU A 409 -11.48 -1.10 -32.07
C GLU A 409 -12.92 -0.64 -32.31
N SER A 410 -13.75 -1.52 -32.91
CA SER A 410 -15.13 -1.15 -33.23
C SER A 410 -15.98 -1.03 -31.96
N LEU A 411 -15.75 -1.93 -30.99
CA LEU A 411 -16.38 -1.79 -29.68
C LEU A 411 -16.00 -0.46 -29.00
N ILE A 412 -14.69 -0.14 -28.98
CA ILE A 412 -14.24 1.08 -28.33
C ILE A 412 -14.93 2.29 -28.99
N SER A 413 -14.94 2.35 -30.33
CA SER A 413 -15.56 3.48 -31.01
C SER A 413 -17.02 3.61 -30.57
N ALA A 414 -17.72 2.47 -30.50
CA ALA A 414 -19.11 2.47 -30.06
C ALA A 414 -19.26 3.08 -28.67
N ILE A 415 -18.38 2.67 -27.74
CA ILE A 415 -18.45 3.16 -26.37
C ILE A 415 -18.13 4.66 -26.39
N HIS A 416 -17.08 5.06 -27.13
CA HIS A 416 -16.72 6.47 -27.23
C HIS A 416 -17.88 7.30 -27.78
N GLU A 417 -18.60 6.75 -28.78
CA GLU A 417 -19.66 7.48 -29.47
C GLU A 417 -20.84 7.68 -28.52
N ARG A 418 -20.96 6.80 -27.51
CA ARG A 418 -22.02 6.94 -26.51
C ARG A 418 -21.59 7.90 -25.40
N GLY A 419 -20.39 8.48 -25.51
CA GLY A 419 -19.97 9.53 -24.59
C GLY A 419 -19.20 8.99 -23.37
N LEU A 420 -18.69 7.74 -23.45
CA LEU A 420 -18.06 7.10 -22.30
C LEU A 420 -16.59 6.84 -22.60
N GLN A 421 -15.76 7.04 -21.59
CA GLN A 421 -14.40 6.53 -21.69
C GLN A 421 -14.46 5.02 -21.67
N PHE A 422 -13.39 4.36 -22.15
CA PHE A 422 -13.33 2.92 -22.27
C PHE A 422 -12.17 2.37 -21.43
N GLY A 423 -12.46 1.32 -20.64
CA GLY A 423 -11.45 0.66 -19.83
C GLY A 423 -11.41 -0.84 -20.08
N LEU A 424 -10.32 -1.50 -19.71
CA LEU A 424 -10.15 -2.91 -20.04
C LEU A 424 -9.37 -3.66 -18.95
N TRP A 425 -9.82 -4.88 -18.68
CA TRP A 425 -9.23 -5.76 -17.68
C TRP A 425 -8.10 -6.59 -18.33
N LEU A 426 -6.99 -6.71 -17.61
CA LEU A 426 -5.88 -7.59 -17.93
C LEU A 426 -5.48 -8.36 -16.69
N GLU A 427 -4.88 -9.54 -16.90
CA GLU A 427 -4.20 -10.26 -15.84
C GLU A 427 -2.87 -10.80 -16.37
N PRO A 428 -1.86 -9.92 -16.66
CA PRO A 428 -0.68 -10.30 -17.43
C PRO A 428 0.28 -11.32 -16.80
N GLU A 429 0.20 -11.51 -15.48
CA GLU A 429 1.24 -12.27 -14.79
C GLU A 429 0.89 -13.75 -14.74
N MET A 430 -0.17 -14.16 -15.45
CA MET A 430 -0.77 -15.47 -15.25
C MET A 430 -0.91 -16.22 -16.57
N ILE A 431 -0.98 -17.56 -16.47
CA ILE A 431 -1.08 -18.43 -17.63
C ILE A 431 -1.92 -19.64 -17.22
N SER A 432 -2.90 -19.98 -18.07
CA SER A 432 -3.69 -21.19 -17.91
C SER A 432 -2.98 -22.36 -18.60
N VAL A 433 -3.12 -23.55 -18.00
CA VAL A 433 -2.65 -24.78 -18.63
C VAL A 433 -3.32 -24.88 -20.01
N ASP A 434 -4.64 -24.64 -20.03
CA ASP A 434 -5.43 -24.63 -21.25
C ASP A 434 -5.34 -23.24 -21.87
N SER A 435 -4.25 -23.00 -22.61
CA SER A 435 -4.02 -21.76 -23.34
C SER A 435 -3.02 -22.07 -24.44
N ASP A 436 -2.97 -21.22 -25.47
CA ASP A 436 -2.01 -21.39 -26.55
C ASP A 436 -0.63 -21.01 -26.01
N LEU A 437 -0.63 -20.04 -25.08
CA LEU A 437 0.62 -19.66 -24.46
C LEU A 437 1.28 -20.86 -23.78
N TYR A 438 0.51 -21.60 -22.97
CA TYR A 438 1.07 -22.74 -22.26
C TYR A 438 1.45 -23.84 -23.25
N ARG A 439 0.59 -24.07 -24.25
CA ARG A 439 0.94 -25.04 -25.28
C ARG A 439 2.27 -24.69 -25.95
N GLN A 440 2.58 -23.40 -26.14
CA GLN A 440 3.80 -22.99 -26.83
C GLN A 440 4.98 -22.87 -25.87
N HIS A 441 4.75 -22.46 -24.60
CA HIS A 441 5.86 -22.28 -23.67
C HIS A 441 5.50 -22.78 -22.26
N PRO A 442 5.42 -24.10 -22.02
CA PRO A 442 5.09 -24.60 -20.68
C PRO A 442 6.14 -24.25 -19.61
N ASP A 443 7.36 -23.94 -20.05
CA ASP A 443 8.48 -23.69 -19.15
C ASP A 443 8.42 -22.26 -18.63
N TRP A 444 7.45 -21.47 -19.12
CA TRP A 444 7.34 -20.08 -18.71
C TRP A 444 6.61 -19.97 -17.37
N ALA A 445 5.91 -21.04 -16.97
CA ALA A 445 5.23 -21.07 -15.68
C ALA A 445 6.24 -21.27 -14.55
N ILE A 446 5.97 -20.65 -13.40
CA ILE A 446 6.69 -20.97 -12.17
C ILE A 446 6.36 -22.41 -11.79
N GLN A 447 7.42 -23.22 -11.60
CA GLN A 447 7.27 -24.66 -11.41
C GLN A 447 8.59 -25.27 -10.93
N VAL A 448 8.50 -26.53 -10.49
CA VAL A 448 9.68 -27.26 -10.08
C VAL A 448 9.81 -28.45 -11.02
N PRO A 449 11.00 -28.74 -11.59
CA PRO A 449 11.13 -29.91 -12.46
C PRO A 449 10.78 -31.17 -11.66
N GLY A 450 9.91 -32.02 -12.25
CA GLY A 450 9.51 -33.29 -11.67
C GLY A 450 8.41 -33.17 -10.61
N TYR A 451 7.84 -31.97 -10.41
CA TYR A 451 6.69 -31.85 -9.52
C TYR A 451 5.49 -31.38 -10.35
N GLU A 452 4.32 -31.96 -10.05
CA GLU A 452 3.05 -31.51 -10.61
C GLU A 452 2.81 -30.04 -10.25
N HIS A 453 1.98 -29.33 -11.02
CA HIS A 453 1.68 -27.95 -10.65
C HIS A 453 0.87 -27.92 -9.35
N THR A 454 1.01 -26.85 -8.57
CA THR A 454 -0.06 -26.49 -7.65
C THR A 454 -0.94 -25.45 -8.34
N TYR A 455 -2.26 -25.66 -8.25
CA TYR A 455 -3.23 -24.82 -8.95
C TYR A 455 -3.90 -23.86 -7.98
N SER A 456 -4.32 -22.70 -8.51
CA SER A 456 -5.05 -21.74 -7.70
C SER A 456 -5.96 -20.96 -8.63
N ARG A 457 -7.28 -21.01 -8.41
CA ARG A 457 -8.27 -20.62 -9.41
C ARG A 457 -7.94 -21.26 -10.78
N ASN A 458 -7.47 -22.52 -10.75
CA ASN A 458 -7.15 -23.30 -11.94
C ASN A 458 -6.22 -22.55 -12.91
N GLN A 459 -5.25 -21.79 -12.37
CA GLN A 459 -4.30 -21.10 -13.24
C GLN A 459 -2.91 -21.20 -12.62
N LEU A 460 -1.89 -20.83 -13.42
CA LEU A 460 -0.50 -20.81 -12.97
C LEU A 460 0.06 -19.38 -13.04
N VAL A 461 1.22 -19.18 -12.40
CA VAL A 461 1.88 -17.89 -12.42
C VAL A 461 3.02 -17.93 -13.46
N LEU A 462 3.11 -16.86 -14.25
CA LEU A 462 4.19 -16.70 -15.21
C LEU A 462 5.47 -16.35 -14.46
N ASN A 463 6.60 -16.86 -14.96
CA ASN A 463 7.87 -16.56 -14.31
C ASN A 463 8.43 -15.26 -14.88
N LEU A 464 8.09 -14.16 -14.19
CA LEU A 464 8.54 -12.83 -14.62
C LEU A 464 10.00 -12.57 -14.23
N ALA A 465 10.67 -13.55 -13.59
CA ALA A 465 12.12 -13.52 -13.46
C ALA A 465 12.80 -13.93 -14.78
N ASN A 466 12.01 -14.53 -15.69
CA ASN A 466 12.50 -14.90 -17.01
C ASN A 466 12.38 -13.69 -17.92
N PRO A 467 13.51 -13.08 -18.36
CA PRO A 467 13.47 -11.88 -19.20
C PRO A 467 12.69 -12.05 -20.50
N GLN A 468 12.56 -13.29 -20.99
CA GLN A 468 11.78 -13.56 -22.19
C GLN A 468 10.29 -13.37 -21.91
N VAL A 469 9.87 -13.71 -20.67
CA VAL A 469 8.50 -13.48 -20.24
C VAL A 469 8.22 -11.97 -20.19
N VAL A 470 9.17 -11.21 -19.61
CA VAL A 470 8.97 -9.77 -19.51
C VAL A 470 8.93 -9.14 -20.91
N GLU A 471 9.84 -9.57 -21.78
CA GLU A 471 9.87 -9.06 -23.14
C GLU A 471 8.54 -9.34 -23.84
N TYR A 472 8.02 -10.57 -23.67
CA TYR A 472 6.79 -10.97 -24.32
C TYR A 472 5.63 -10.09 -23.86
N LEU A 473 5.55 -9.83 -22.56
CA LEU A 473 4.44 -9.05 -22.03
C LEU A 473 4.57 -7.57 -22.42
N LYS A 474 5.79 -7.02 -22.44
CA LYS A 474 5.92 -5.66 -22.91
C LYS A 474 5.39 -5.55 -24.34
N SER A 475 5.76 -6.52 -25.18
CA SER A 475 5.40 -6.48 -26.58
C SER A 475 3.88 -6.58 -26.77
N VAL A 476 3.29 -7.62 -26.17
CA VAL A 476 1.87 -7.88 -26.34
C VAL A 476 1.08 -6.68 -25.84
N LEU A 477 1.48 -6.12 -24.68
CA LEU A 477 0.66 -5.08 -24.08
C LEU A 477 0.89 -3.73 -24.78
N ASP A 478 2.12 -3.48 -25.23
CA ASP A 478 2.39 -2.26 -25.96
C ASP A 478 1.53 -2.25 -27.23
N GLN A 479 1.45 -3.42 -27.88
CA GLN A 479 0.64 -3.53 -29.08
C GLN A 479 -0.82 -3.22 -28.77
N LEU A 480 -1.33 -3.84 -27.71
CA LEU A 480 -2.73 -3.66 -27.34
C LEU A 480 -3.03 -2.17 -27.10
N LEU A 481 -2.15 -1.48 -26.36
CA LEU A 481 -2.38 -0.11 -25.96
C LEU A 481 -2.14 0.86 -27.10
N PHE A 482 -1.22 0.56 -28.03
CA PHE A 482 -0.94 1.52 -29.09
C PHE A 482 -1.99 1.43 -30.20
N TYR A 483 -2.56 0.23 -30.39
CA TYR A 483 -3.49 0.03 -31.49
C TYR A 483 -4.94 0.22 -31.06
N HIS A 484 -5.16 0.59 -29.79
CA HIS A 484 -6.51 0.76 -29.27
C HIS A 484 -6.60 2.00 -28.42
N ASP A 485 -7.74 2.66 -28.51
CA ASP A 485 -7.93 3.93 -27.82
C ASP A 485 -8.46 3.70 -26.40
N ILE A 486 -7.64 3.09 -25.54
CA ILE A 486 -8.09 2.68 -24.22
C ILE A 486 -7.76 3.79 -23.22
N ASP A 487 -8.73 4.13 -22.36
CA ASP A 487 -8.61 5.24 -21.41
C ASP A 487 -8.20 4.76 -20.02
N TYR A 488 -8.37 3.46 -19.74
CA TYR A 488 -8.23 2.94 -18.39
C TYR A 488 -7.89 1.44 -18.48
N ILE A 489 -7.02 1.01 -17.56
CA ILE A 489 -6.67 -0.41 -17.46
C ILE A 489 -6.90 -0.86 -16.01
N LYS A 490 -7.47 -2.06 -15.88
CA LYS A 490 -7.59 -2.74 -14.61
C LYS A 490 -6.68 -3.94 -14.65
N TRP A 491 -5.65 -3.93 -13.79
CA TRP A 491 -4.59 -4.92 -13.84
C TRP A 491 -4.79 -5.88 -12.68
N ASN A 492 -5.40 -7.05 -12.96
CA ASN A 492 -5.67 -8.04 -11.92
C ASN A 492 -4.48 -9.00 -11.79
N MET A 493 -4.47 -9.77 -10.69
CA MET A 493 -3.46 -10.78 -10.40
C MET A 493 -4.08 -11.70 -9.35
N ASN A 494 -4.43 -12.94 -9.75
CA ASN A 494 -5.42 -13.67 -8.97
C ASN A 494 -4.95 -14.97 -8.31
N ARG A 495 -3.65 -15.10 -8.02
CA ARG A 495 -3.20 -16.20 -7.18
C ARG A 495 -1.81 -15.89 -6.63
N ASN A 496 -1.35 -16.71 -5.70
CA ASN A 496 -0.05 -16.50 -5.07
C ASN A 496 0.91 -17.57 -5.58
N ILE A 497 2.20 -17.41 -5.26
CA ILE A 497 3.24 -18.15 -5.95
C ILE A 497 3.54 -19.43 -5.18
N THR A 498 3.50 -20.56 -5.90
CA THR A 498 3.89 -21.86 -5.38
C THR A 498 4.97 -22.48 -6.27
N LYS A 499 5.57 -23.59 -5.80
CA LYS A 499 6.44 -24.43 -6.63
C LYS A 499 7.60 -23.63 -7.22
N LEU A 500 8.42 -23.04 -6.36
CA LEU A 500 9.61 -22.30 -6.79
C LEU A 500 10.72 -23.29 -7.16
N GLY A 501 11.09 -23.31 -8.45
CA GLY A 501 12.15 -24.20 -8.90
C GLY A 501 12.61 -23.95 -10.33
N ASN A 502 12.60 -22.68 -10.75
CA ASN A 502 12.91 -22.33 -12.13
C ASN A 502 14.39 -22.00 -12.30
N GLY A 503 15.15 -21.89 -11.22
CA GLY A 503 16.56 -21.55 -11.31
C GLY A 503 17.39 -22.69 -11.90
N LEU A 504 18.53 -22.34 -12.51
CA LEU A 504 19.50 -23.33 -12.93
C LEU A 504 20.25 -23.85 -11.71
N THR A 505 20.22 -23.06 -10.63
CA THR A 505 20.76 -23.51 -9.35
C THR A 505 19.75 -23.20 -8.25
N TYR A 506 19.95 -23.79 -7.06
CA TYR A 506 19.17 -23.45 -5.90
C TYR A 506 19.22 -21.94 -5.63
N LEU A 507 20.42 -21.35 -5.73
CA LEU A 507 20.54 -19.94 -5.44
C LEU A 507 19.67 -19.13 -6.42
N GLU A 508 19.60 -19.58 -7.68
CA GLU A 508 18.84 -18.77 -8.63
C GLU A 508 17.34 -18.87 -8.31
N THR A 509 16.90 -20.05 -7.87
CA THR A 509 15.53 -20.22 -7.38
C THR A 509 15.26 -19.28 -6.20
N GLN A 510 16.26 -19.14 -5.31
CA GLN A 510 16.08 -18.33 -4.12
C GLN A 510 15.96 -16.85 -4.50
N MET A 511 16.48 -16.52 -5.68
CA MET A 511 16.43 -15.15 -6.20
C MET A 511 15.16 -14.89 -7.01
N GLN A 512 14.47 -15.94 -7.51
CA GLN A 512 13.45 -15.71 -8.52
C GLN A 512 12.25 -14.92 -8.00
N SER A 513 11.95 -14.98 -6.68
CA SER A 513 10.79 -14.26 -6.17
C SER A 513 11.03 -12.75 -6.19
N HIS A 514 12.25 -12.33 -5.83
CA HIS A 514 12.58 -10.91 -5.92
C HIS A 514 12.74 -10.48 -7.38
N GLN A 515 13.35 -11.37 -8.20
CA GLN A 515 13.56 -11.07 -9.61
C GLN A 515 12.21 -10.94 -10.30
N TYR A 516 11.23 -11.74 -9.86
CA TYR A 516 9.86 -11.62 -10.33
C TYR A 516 9.36 -10.20 -10.12
N MET A 517 9.56 -9.66 -8.90
CA MET A 517 9.14 -8.30 -8.61
C MET A 517 9.90 -7.29 -9.49
N LEU A 518 11.20 -7.50 -9.66
CA LEU A 518 11.97 -6.59 -10.51
C LEU A 518 11.39 -6.60 -11.93
N GLY A 519 11.04 -7.81 -12.42
CA GLY A 519 10.41 -7.98 -13.71
C GLY A 519 9.05 -7.27 -13.80
N LEU A 520 8.21 -7.46 -12.77
CA LEU A 520 6.92 -6.77 -12.71
C LEU A 520 7.11 -5.26 -12.78
N TYR A 521 8.06 -4.73 -12.00
CA TYR A 521 8.23 -3.28 -11.92
C TYR A 521 8.81 -2.71 -13.22
N GLU A 522 9.71 -3.45 -13.86
CA GLU A 522 10.21 -3.07 -15.18
C GLU A 522 9.03 -2.98 -16.18
N LEU A 523 8.13 -3.97 -16.12
CA LEU A 523 6.98 -4.04 -17.01
C LEU A 523 6.03 -2.89 -16.76
N VAL A 524 5.62 -2.69 -15.49
CA VAL A 524 4.56 -1.71 -15.23
C VAL A 524 5.12 -0.29 -15.28
N SER A 525 6.41 -0.09 -14.95
CA SER A 525 6.96 1.26 -15.08
C SER A 525 7.06 1.63 -16.56
N TYR A 526 7.42 0.64 -17.38
CA TYR A 526 7.50 0.86 -18.81
C TYR A 526 6.13 1.26 -19.38
N LEU A 527 5.11 0.42 -19.18
CA LEU A 527 3.80 0.64 -19.78
C LEU A 527 3.12 1.89 -19.26
N THR A 528 3.21 2.14 -17.94
CA THR A 528 2.57 3.30 -17.34
C THR A 528 3.25 4.59 -17.82
N GLU A 529 4.58 4.56 -17.97
CA GLU A 529 5.34 5.69 -18.52
C GLU A 529 5.03 5.89 -20.00
N LYS A 530 5.01 4.81 -20.80
CA LYS A 530 4.83 4.91 -22.24
C LYS A 530 3.38 5.24 -22.59
N HIS A 531 2.45 5.08 -21.63
CA HIS A 531 1.05 5.32 -21.92
C HIS A 531 0.46 6.12 -20.76
N SER A 532 1.07 7.27 -20.49
CA SER A 532 0.86 7.93 -19.20
C SER A 532 -0.49 8.62 -19.13
N HIS A 533 -1.18 8.71 -20.26
CA HIS A 533 -2.55 9.23 -20.32
C HIS A 533 -3.55 8.22 -19.73
N ILE A 534 -3.18 6.93 -19.67
CA ILE A 534 -4.10 5.91 -19.21
C ILE A 534 -4.11 5.85 -17.68
N LEU A 535 -5.30 5.80 -17.09
CA LEU A 535 -5.49 5.53 -15.66
C LEU A 535 -5.43 4.01 -15.43
N PHE A 536 -4.39 3.56 -14.73
CA PHE A 536 -4.24 2.16 -14.40
C PHE A 536 -4.69 1.92 -12.96
N GLU A 537 -5.61 0.95 -12.79
CA GLU A 537 -6.09 0.58 -11.47
C GLU A 537 -5.56 -0.81 -11.16
N SER A 538 -4.85 -0.93 -10.02
CA SER A 538 -4.30 -2.24 -9.66
C SER A 538 -5.36 -3.09 -8.98
N CYS A 539 -5.17 -4.42 -9.03
CA CYS A 539 -6.16 -5.36 -8.50
C CYS A 539 -5.48 -6.68 -8.20
N SER A 540 -5.98 -7.40 -7.18
CA SER A 540 -5.50 -8.74 -6.91
C SER A 540 -6.58 -9.49 -6.13
N GLY A 541 -7.59 -10.00 -6.85
CA GLY A 541 -8.81 -10.48 -6.22
C GLY A 541 -9.28 -9.47 -5.17
N GLY A 542 -9.39 -8.22 -5.62
CA GLY A 542 -9.50 -7.07 -4.75
C GLY A 542 -8.14 -6.62 -4.23
N GLY A 543 -8.01 -6.60 -2.89
CA GLY A 543 -6.90 -5.93 -2.22
C GLY A 543 -5.75 -6.87 -1.83
N GLY A 544 -5.46 -7.84 -2.70
CA GLY A 544 -4.41 -8.82 -2.44
C GLY A 544 -2.98 -8.27 -2.60
N ARG A 545 -2.83 -7.03 -3.08
CA ARG A 545 -1.51 -6.48 -3.32
C ARG A 545 -1.63 -4.97 -3.31
N ASN A 546 -2.32 -4.48 -2.28
CA ASN A 546 -2.63 -3.07 -2.14
C ASN A 546 -1.57 -2.44 -1.24
N ASP A 547 -0.43 -2.07 -1.86
CA ASP A 547 0.72 -1.60 -1.10
C ASP A 547 1.34 -0.41 -1.85
N LEU A 548 2.36 0.19 -1.24
CA LEU A 548 2.91 1.43 -1.78
C LEU A 548 3.88 1.17 -2.94
N GLY A 549 4.28 -0.10 -3.12
CA GLY A 549 5.02 -0.44 -4.33
C GLY A 549 4.14 -0.28 -5.56
N MET A 550 2.89 -0.77 -5.47
CA MET A 550 1.96 -0.72 -6.59
C MET A 550 1.46 0.71 -6.79
N MET A 551 1.28 1.44 -5.68
CA MET A 551 0.68 2.77 -5.74
C MET A 551 1.63 3.80 -6.36
N ARG A 552 2.89 3.41 -6.53
CA ARG A 552 3.87 4.20 -7.29
C ARG A 552 3.46 4.27 -8.77
N TYR A 553 2.76 3.24 -9.29
CA TYR A 553 2.48 3.17 -10.73
C TYR A 553 0.98 3.19 -11.05
N PHE A 554 0.17 2.72 -10.09
CA PHE A 554 -1.27 2.52 -10.23
C PHE A 554 -1.99 3.46 -9.26
N PRO A 555 -2.49 4.62 -9.69
CA PRO A 555 -3.02 5.60 -8.72
C PRO A 555 -4.38 5.26 -8.09
N GLN A 556 -4.93 4.09 -8.43
CA GLN A 556 -6.07 3.57 -7.69
C GLN A 556 -5.99 2.05 -7.71
N VAL A 557 -6.80 1.44 -6.82
CA VAL A 557 -6.73 0.03 -6.49
C VAL A 557 -8.15 -0.45 -6.18
N TRP A 558 -8.48 -1.66 -6.67
CA TRP A 558 -9.75 -2.27 -6.33
C TRP A 558 -9.66 -2.82 -4.91
N ALA A 559 -10.25 -2.10 -3.93
CA ALA A 559 -9.90 -2.30 -2.53
C ALA A 559 -10.27 -3.69 -2.01
N SER A 560 -11.33 -4.29 -2.57
CA SER A 560 -11.86 -5.57 -2.14
C SER A 560 -12.88 -6.11 -3.14
N ASP A 561 -12.86 -7.43 -3.38
CA ASP A 561 -13.94 -8.11 -4.09
C ASP A 561 -15.25 -8.06 -3.30
N ASN A 562 -15.17 -7.79 -2.00
CA ASN A 562 -16.38 -7.66 -1.20
C ASN A 562 -17.04 -6.31 -1.49
N THR A 563 -18.21 -6.31 -2.14
CA THR A 563 -18.86 -5.05 -2.48
C THR A 563 -20.08 -4.79 -1.58
N ASP A 564 -20.20 -5.58 -0.52
CA ASP A 564 -21.29 -5.36 0.43
C ASP A 564 -21.08 -4.02 1.15
N ALA A 565 -22.15 -3.20 1.24
CA ALA A 565 -22.02 -1.88 1.86
C ALA A 565 -21.55 -1.97 3.31
N ILE A 566 -22.06 -2.97 4.03
CA ILE A 566 -21.75 -3.10 5.45
C ILE A 566 -20.40 -3.76 5.64
N ALA A 567 -20.15 -4.86 4.91
CA ALA A 567 -18.81 -5.46 5.04
C ALA A 567 -17.70 -4.52 4.56
N ARG A 568 -18.05 -3.54 3.70
CA ARG A 568 -17.08 -2.57 3.19
C ARG A 568 -16.62 -1.61 4.29
N LEU A 569 -17.39 -1.49 5.39
CA LEU A 569 -17.06 -0.49 6.41
C LEU A 569 -15.66 -0.71 7.01
N PRO A 570 -15.34 -1.87 7.63
CA PRO A 570 -13.99 -2.09 8.15
C PRO A 570 -12.90 -2.10 7.07
N ILE A 571 -13.28 -2.52 5.84
CA ILE A 571 -12.35 -2.59 4.71
C ILE A 571 -11.87 -1.20 4.30
N GLN A 572 -12.81 -0.26 4.23
CA GLN A 572 -12.51 1.12 3.85
C GLN A 572 -11.72 1.82 4.95
N TYR A 573 -12.12 1.57 6.20
CA TYR A 573 -11.41 2.04 7.39
C TYR A 573 -9.92 1.72 7.25
N GLY A 574 -9.59 0.45 6.98
CA GLY A 574 -8.20 0.03 6.85
C GLY A 574 -7.54 0.46 5.53
N SER A 575 -8.31 0.47 4.44
CA SER A 575 -7.78 0.69 3.11
C SER A 575 -7.37 2.15 2.94
N SER A 576 -7.96 3.03 3.75
CA SER A 576 -7.66 4.45 3.67
C SER A 576 -6.89 4.90 4.92
N TYR A 577 -6.43 3.95 5.75
CA TYR A 577 -5.80 4.28 7.01
C TYR A 577 -4.49 5.01 6.75
N LEU A 578 -3.70 4.51 5.79
CA LEU A 578 -2.41 5.10 5.47
C LEU A 578 -2.38 5.57 4.02
N TYR A 579 -3.36 5.14 3.22
CA TYR A 579 -3.42 5.48 1.80
C TYR A 579 -4.54 6.48 1.56
N PRO A 580 -4.40 7.45 0.62
CA PRO A 580 -5.44 8.47 0.43
C PRO A 580 -6.70 7.85 -0.17
N THR A 581 -7.85 8.46 0.14
CA THR A 581 -9.17 7.98 -0.27
C THR A 581 -9.24 7.87 -1.79
N ILE A 582 -8.56 8.78 -2.49
CA ILE A 582 -8.61 8.81 -3.95
C ILE A 582 -8.19 7.46 -4.56
N SER A 583 -7.38 6.68 -3.81
CA SER A 583 -6.86 5.42 -4.34
C SER A 583 -7.92 4.31 -4.29
N MET A 584 -8.99 4.54 -3.53
CA MET A 584 -9.72 3.42 -2.94
C MET A 584 -11.00 3.10 -3.71
N GLY A 585 -10.89 2.24 -4.74
CA GLY A 585 -12.01 1.82 -5.54
C GLY A 585 -13.16 1.28 -4.69
N ALA A 586 -14.38 1.75 -5.00
CA ALA A 586 -15.57 1.33 -4.27
C ALA A 586 -16.77 1.37 -5.22
N HIS A 587 -17.47 0.23 -5.34
CA HIS A 587 -18.58 0.13 -6.30
C HIS A 587 -19.89 -0.24 -5.61
N VAL A 588 -20.94 0.46 -6.02
CA VAL A 588 -22.31 0.12 -5.71
C VAL A 588 -22.63 -1.14 -6.51
N SER A 589 -23.07 -2.21 -5.82
CA SER A 589 -23.33 -3.49 -6.46
C SER A 589 -24.76 -3.97 -6.17
N ALA A 590 -25.12 -5.10 -6.78
CA ALA A 590 -26.48 -5.64 -6.69
C ALA A 590 -26.78 -6.26 -5.31
N VAL A 591 -28.08 -6.44 -5.02
CA VAL A 591 -28.55 -7.13 -3.82
C VAL A 591 -29.47 -8.28 -4.24
N PRO A 592 -29.54 -9.39 -3.47
CA PRO A 592 -28.66 -9.61 -2.31
C PRO A 592 -27.19 -9.65 -2.74
N ASN A 593 -26.31 -9.11 -1.89
CA ASN A 593 -24.90 -9.00 -2.20
C ASN A 593 -24.29 -10.39 -2.46
N HIS A 594 -23.40 -10.47 -3.45
CA HIS A 594 -22.92 -11.74 -3.95
C HIS A 594 -21.98 -12.41 -2.94
N GLN A 595 -21.30 -11.63 -2.10
CA GLN A 595 -20.33 -12.22 -1.19
C GLN A 595 -20.99 -12.55 0.16
N MET A 596 -21.88 -11.66 0.63
CA MET A 596 -22.41 -11.71 1.99
C MET A 596 -23.80 -12.35 2.04
N GLY A 597 -24.50 -12.42 0.90
CA GLY A 597 -25.89 -12.87 0.82
C GLY A 597 -26.86 -11.97 1.58
N ARG A 598 -26.63 -10.65 1.52
CA ARG A 598 -27.28 -9.64 2.36
C ARG A 598 -28.04 -8.62 1.52
N MET A 599 -29.27 -8.24 1.93
CA MET A 599 -29.96 -7.06 1.43
C MET A 599 -29.49 -5.81 2.18
N THR A 600 -29.09 -4.76 1.45
CA THR A 600 -28.80 -3.44 2.03
C THR A 600 -29.54 -2.38 1.21
N PRO A 601 -29.93 -1.23 1.80
CA PRO A 601 -30.58 -0.17 1.04
C PRO A 601 -29.63 0.35 -0.04
N LEU A 602 -30.21 0.70 -1.20
CA LEU A 602 -29.43 1.28 -2.28
C LEU A 602 -28.82 2.59 -1.82
N GLU A 603 -29.52 3.29 -0.92
CA GLU A 603 -29.02 4.55 -0.38
C GLU A 603 -27.70 4.31 0.37
N THR A 604 -27.64 3.21 1.13
CA THR A 604 -26.48 2.90 1.95
C THR A 604 -25.34 2.41 1.08
N ARG A 605 -25.62 1.50 0.14
CA ARG A 605 -24.61 1.13 -0.84
C ARG A 605 -23.99 2.38 -1.47
N GLY A 606 -24.83 3.36 -1.81
CA GLY A 606 -24.37 4.60 -2.42
C GLY A 606 -23.48 5.41 -1.47
N LEU A 607 -23.96 5.63 -0.24
CA LEU A 607 -23.20 6.48 0.68
C LEU A 607 -21.89 5.81 1.10
N VAL A 608 -21.88 4.47 1.19
CA VAL A 608 -20.64 3.79 1.57
C VAL A 608 -19.62 3.90 0.44
N ALA A 609 -20.04 3.63 -0.80
CA ALA A 609 -19.13 3.71 -1.95
C ALA A 609 -18.63 5.16 -2.12
N MET A 610 -19.45 6.14 -1.73
CA MET A 610 -19.07 7.53 -1.92
C MET A 610 -18.07 8.00 -0.87
N MET A 611 -17.71 7.13 0.09
CA MET A 611 -16.61 7.41 0.99
C MET A 611 -15.29 6.98 0.35
N GLY A 612 -15.42 6.36 -0.83
CA GLY A 612 -14.28 5.95 -1.64
C GLY A 612 -14.32 6.60 -3.03
N ASN A 613 -13.62 5.96 -3.96
CA ASN A 613 -13.53 6.34 -5.36
C ASN A 613 -14.64 5.59 -6.11
N LEU A 614 -15.71 6.33 -6.42
CA LEU A 614 -17.00 5.73 -6.75
C LEU A 614 -17.04 5.12 -8.15
N GLY A 615 -17.60 3.91 -8.19
CA GLY A 615 -18.09 3.34 -9.43
C GLY A 615 -19.31 2.46 -9.18
N TYR A 616 -19.72 1.72 -10.23
CA TYR A 616 -20.93 0.91 -10.23
C TYR A 616 -20.59 -0.45 -10.84
N GLU A 617 -21.19 -1.50 -10.28
CA GLU A 617 -20.91 -2.86 -10.74
C GLU A 617 -22.15 -3.72 -10.51
N LEU A 618 -23.12 -3.55 -11.42
CA LEU A 618 -24.35 -4.31 -11.41
C LEU A 618 -25.03 -4.11 -12.78
N ASP A 619 -25.99 -4.98 -13.08
CA ASP A 619 -26.63 -4.95 -14.38
C ASP A 619 -27.70 -3.86 -14.45
N LEU A 620 -27.28 -2.67 -14.90
CA LEU A 620 -28.14 -1.51 -15.02
C LEU A 620 -29.33 -1.80 -15.94
N THR A 621 -29.17 -2.72 -16.91
CA THR A 621 -30.28 -3.04 -17.80
C THR A 621 -31.40 -3.78 -17.06
N ASN A 622 -31.11 -4.39 -15.89
CA ASN A 622 -32.14 -5.15 -15.21
C ASN A 622 -32.77 -4.38 -14.05
N LEU A 623 -32.49 -3.09 -13.91
CA LEU A 623 -33.03 -2.34 -12.78
C LEU A 623 -34.40 -1.77 -13.14
N SER A 624 -35.22 -1.50 -12.13
CA SER A 624 -36.47 -0.76 -12.31
C SER A 624 -36.16 0.67 -12.77
N ASP A 625 -37.20 1.37 -13.25
CA ASP A 625 -37.09 2.79 -13.58
C ASP A 625 -36.65 3.58 -12.36
N GLU A 626 -37.18 3.22 -11.18
CA GLU A 626 -36.91 3.91 -9.93
C GLU A 626 -35.45 3.74 -9.51
N GLU A 627 -34.93 2.52 -9.65
CA GLU A 627 -33.56 2.23 -9.25
C GLU A 627 -32.60 2.99 -10.15
N LYS A 628 -32.96 3.11 -11.44
CA LYS A 628 -32.18 3.88 -12.40
C LYS A 628 -32.15 5.35 -11.98
N ALA A 629 -33.32 5.89 -11.60
CA ALA A 629 -33.41 7.27 -11.14
C ALA A 629 -32.56 7.51 -9.89
N THR A 630 -32.63 6.59 -8.92
CA THR A 630 -31.81 6.69 -7.72
C THR A 630 -30.32 6.78 -8.09
N ILE A 631 -29.90 5.90 -9.01
CA ILE A 631 -28.50 5.86 -9.38
C ILE A 631 -28.09 7.17 -10.04
N ALA A 632 -28.97 7.74 -10.89
CA ALA A 632 -28.70 9.01 -11.56
C ALA A 632 -28.55 10.13 -10.54
N ASN A 633 -29.35 10.07 -9.46
CA ASN A 633 -29.22 11.04 -8.38
C ASN A 633 -27.92 10.83 -7.59
N GLN A 634 -27.50 9.58 -7.42
CA GLN A 634 -26.25 9.29 -6.72
C GLN A 634 -25.08 9.85 -7.51
N VAL A 635 -25.11 9.64 -8.84
CA VAL A 635 -24.06 10.11 -9.73
C VAL A 635 -24.01 11.64 -9.67
N ASN A 636 -25.18 12.29 -9.76
CA ASN A 636 -25.21 13.75 -9.67
C ASN A 636 -24.63 14.20 -8.34
N LEU A 637 -24.98 13.50 -7.25
CA LEU A 637 -24.52 13.93 -5.94
C LEU A 637 -22.99 13.82 -5.89
N TYR A 638 -22.46 12.69 -6.36
CA TYR A 638 -21.04 12.43 -6.23
C TYR A 638 -20.22 13.37 -7.10
N LYS A 639 -20.73 13.72 -8.29
CA LYS A 639 -20.08 14.74 -9.11
C LYS A 639 -19.81 16.01 -8.29
N GLU A 640 -20.72 16.32 -7.35
CA GLU A 640 -20.52 17.44 -6.42
C GLU A 640 -19.54 17.06 -5.31
N LEU A 641 -19.67 15.86 -4.74
CA LEU A 641 -18.89 15.49 -3.57
C LEU A 641 -17.46 15.09 -3.94
N ARG A 642 -17.24 14.73 -5.22
CA ARG A 642 -16.00 14.07 -5.65
C ARG A 642 -14.78 14.86 -5.20
N PRO A 643 -14.67 16.18 -5.43
CA PRO A 643 -13.47 16.89 -5.02
C PRO A 643 -13.30 16.85 -3.50
N VAL A 644 -14.42 16.89 -2.77
CA VAL A 644 -14.36 16.92 -1.32
C VAL A 644 -13.80 15.58 -0.85
N VAL A 645 -14.33 14.50 -1.43
CA VAL A 645 -13.90 13.15 -1.04
C VAL A 645 -12.49 12.87 -1.54
N GLN A 646 -12.21 13.17 -2.82
CA GLN A 646 -10.96 12.72 -3.41
C GLN A 646 -9.81 13.69 -3.10
N LEU A 647 -10.14 14.98 -2.91
CA LEU A 647 -9.08 15.98 -2.83
C LEU A 647 -9.03 16.57 -1.43
N GLY A 648 -10.02 16.26 -0.58
CA GLY A 648 -10.12 16.88 0.73
C GLY A 648 -9.38 16.10 1.82
N GLN A 649 -9.56 16.53 3.07
CA GLN A 649 -8.93 15.97 4.24
C GLN A 649 -9.96 15.08 4.96
N GLN A 650 -9.53 13.86 5.29
CA GLN A 650 -10.40 12.84 5.85
C GLN A 650 -10.27 12.85 7.37
N TYR A 651 -11.43 12.79 8.04
CA TYR A 651 -11.51 12.67 9.48
C TYR A 651 -12.48 11.56 9.88
N ARG A 652 -11.93 10.51 10.50
CA ARG A 652 -12.68 9.40 11.07
C ARG A 652 -13.36 9.90 12.33
N LEU A 653 -14.68 9.69 12.45
CA LEU A 653 -15.41 10.15 13.62
C LEU A 653 -15.86 8.97 14.47
N ILE A 654 -16.38 7.92 13.82
CA ILE A 654 -16.67 6.70 14.57
C ILE A 654 -16.10 5.56 13.74
N ASN A 655 -15.30 4.69 14.36
CA ASN A 655 -14.57 3.66 13.64
C ASN A 655 -15.38 2.37 13.60
N PRO A 656 -15.53 1.73 12.42
CA PRO A 656 -16.24 0.45 12.34
C PRO A 656 -15.28 -0.66 12.75
N ASP A 657 -15.32 -1.03 14.02
CA ASP A 657 -14.46 -2.13 14.42
C ASP A 657 -15.34 -3.30 14.82
N THR A 658 -14.71 -4.25 15.51
CA THR A 658 -15.30 -5.54 15.80
C THR A 658 -16.49 -5.38 16.74
N VAL A 659 -16.50 -4.33 17.57
CA VAL A 659 -17.54 -4.12 18.58
C VAL A 659 -18.48 -2.94 18.23
N SER A 660 -17.98 -1.95 17.48
CA SER A 660 -18.80 -0.80 17.13
C SER A 660 -20.02 -1.24 16.32
N ASN A 661 -21.14 -0.54 16.52
CA ASN A 661 -22.34 -0.76 15.72
C ASN A 661 -22.51 0.34 14.67
N GLU A 662 -21.47 1.18 14.50
CA GLU A 662 -21.58 2.41 13.76
C GLU A 662 -20.31 2.71 12.97
N ALA A 663 -20.45 3.53 11.90
CA ALA A 663 -19.32 4.12 11.23
C ALA A 663 -19.61 5.57 10.86
N ALA A 664 -18.60 6.46 10.99
CA ALA A 664 -18.81 7.83 10.54
C ALA A 664 -17.49 8.43 10.12
N VAL A 665 -17.51 9.08 8.94
CA VAL A 665 -16.32 9.66 8.32
C VAL A 665 -16.69 11.03 7.76
N GLN A 666 -15.84 12.01 8.07
CA GLN A 666 -16.02 13.40 7.66
C GLN A 666 -14.96 13.76 6.61
N PHE A 667 -15.31 14.62 5.64
CA PHE A 667 -14.32 15.15 4.73
C PHE A 667 -14.43 16.67 4.69
N ASN A 668 -13.29 17.37 4.84
CA ASN A 668 -13.21 18.83 4.68
C ASN A 668 -12.49 19.20 3.38
N TYR A 669 -13.07 20.15 2.64
CA TYR A 669 -12.37 20.69 1.48
C TYR A 669 -12.81 22.12 1.22
N GLY A 670 -11.95 23.08 1.60
CA GLY A 670 -12.29 24.48 1.52
C GLY A 670 -13.57 24.78 2.30
N ASN A 671 -14.54 25.40 1.62
CA ASN A 671 -15.83 25.75 2.19
C ASN A 671 -16.79 24.56 2.27
N GLN A 672 -16.32 23.33 1.96
CA GLN A 672 -17.24 22.21 1.98
C GLN A 672 -16.86 21.22 3.09
N THR A 673 -17.87 20.80 3.89
CA THR A 673 -17.72 19.76 4.90
C THR A 673 -18.88 18.79 4.76
N ILE A 674 -18.58 17.49 4.60
CA ILE A 674 -19.60 16.45 4.53
C ILE A 674 -19.32 15.41 5.61
N VAL A 675 -20.37 14.77 6.11
CA VAL A 675 -20.22 13.70 7.10
C VAL A 675 -21.15 12.57 6.68
N THR A 676 -20.62 11.34 6.63
CA THR A 676 -21.46 10.17 6.35
C THR A 676 -21.54 9.32 7.62
N TYR A 677 -22.74 8.85 7.96
CA TYR A 677 -23.00 8.04 9.15
C TYR A 677 -23.73 6.78 8.71
N VAL A 678 -23.30 5.61 9.21
CA VAL A 678 -23.97 4.34 8.95
C VAL A 678 -24.20 3.62 10.28
N ARG A 679 -25.38 3.01 10.47
CA ARG A 679 -25.62 2.16 11.61
C ARG A 679 -25.81 0.73 11.10
N VAL A 680 -25.06 -0.23 11.68
CA VAL A 680 -25.21 -1.59 11.24
C VAL A 680 -26.51 -2.23 11.73
N LEU A 681 -26.63 -2.59 13.02
CA LEU A 681 -27.87 -3.20 13.48
C LEU A 681 -28.83 -2.14 14.03
N SER A 682 -30.13 -2.25 13.67
CA SER A 682 -31.26 -1.55 14.28
C SER A 682 -31.14 -1.64 15.79
N VAL A 683 -31.43 -0.55 16.52
CA VAL A 683 -31.44 -0.52 17.98
C VAL A 683 -32.79 -0.02 18.46
N VAL A 684 -33.13 -0.29 19.73
CA VAL A 684 -34.39 0.16 20.30
C VAL A 684 -34.10 0.61 21.74
N GLU A 685 -34.86 1.63 22.21
CA GLU A 685 -34.72 2.22 23.54
C GLU A 685 -33.25 2.45 23.85
N THR A 686 -32.60 3.12 22.90
CA THR A 686 -31.20 3.46 23.01
C THR A 686 -31.08 4.94 22.62
N MET A 687 -30.55 5.81 23.50
CA MET A 687 -30.48 7.22 23.17
C MET A 687 -29.65 7.40 21.89
N GLU A 688 -30.03 8.40 21.10
CA GLU A 688 -29.35 8.78 19.86
C GLU A 688 -27.89 9.15 20.14
N THR A 689 -27.01 8.73 19.21
CA THR A 689 -25.58 9.08 19.23
C THR A 689 -25.45 10.59 19.04
N THR A 690 -24.47 11.19 19.72
CA THR A 690 -24.06 12.56 19.48
C THR A 690 -22.74 12.51 18.71
N LEU A 691 -22.75 13.06 17.48
CA LEU A 691 -21.63 13.01 16.55
C LEU A 691 -21.00 14.41 16.42
N LYS A 692 -19.77 14.57 16.92
CA LYS A 692 -19.08 15.85 16.86
C LYS A 692 -18.16 15.86 15.64
N LEU A 693 -18.15 16.98 14.90
CA LEU A 693 -17.28 17.20 13.75
C LEU A 693 -15.91 17.65 14.23
N LYS A 694 -14.90 17.56 13.36
CA LYS A 694 -13.54 17.95 13.71
C LYS A 694 -13.01 19.00 12.74
N ASP A 695 -12.01 19.75 13.20
CA ASP A 695 -11.18 20.60 12.36
C ASP A 695 -12.00 21.63 11.58
N LEU A 696 -12.91 22.33 12.28
CA LEU A 696 -13.67 23.45 11.72
C LEU A 696 -13.15 24.73 12.38
N ASP A 697 -13.53 25.90 11.81
CA ASP A 697 -13.33 27.18 12.48
C ASP A 697 -14.41 27.35 13.55
N GLU A 698 -13.99 27.63 14.79
CA GLU A 698 -14.93 27.81 15.89
C GLU A 698 -15.93 28.91 15.55
N GLU A 699 -15.44 30.00 14.94
CA GLU A 699 -16.25 31.17 14.67
C GLU A 699 -16.84 31.09 13.26
N GLY A 700 -16.44 30.07 12.49
CA GLY A 700 -16.99 29.85 11.17
C GLY A 700 -18.49 29.55 11.25
N LEU A 701 -19.22 29.87 10.17
CA LEU A 701 -20.65 29.60 10.14
C LEU A 701 -20.94 28.52 9.09
N TYR A 702 -21.62 27.45 9.52
CA TYR A 702 -21.78 26.27 8.69
C TYR A 702 -23.26 26.01 8.43
N LYS A 703 -23.66 26.14 7.15
CA LYS A 703 -25.04 25.97 6.76
C LYS A 703 -25.27 24.53 6.34
N LEU A 704 -26.16 23.85 7.07
CA LEU A 704 -26.52 22.46 6.83
C LEU A 704 -27.57 22.40 5.74
N GLN A 705 -27.24 21.71 4.65
CA GLN A 705 -28.05 21.71 3.44
C GLN A 705 -29.48 21.23 3.71
N GLU A 706 -29.65 20.17 4.50
CA GLU A 706 -30.96 19.55 4.58
C GLU A 706 -31.97 20.42 5.36
N ASN A 707 -31.54 21.23 6.33
CA ASN A 707 -32.51 22.01 7.09
C ASN A 707 -32.29 23.52 6.94
N GLY A 708 -31.19 23.92 6.29
CA GLY A 708 -30.88 25.33 6.08
C GLY A 708 -30.39 26.04 7.35
N GLU A 709 -30.22 25.30 8.44
CA GLU A 709 -29.81 25.91 9.69
C GLU A 709 -28.32 26.24 9.63
N VAL A 710 -27.93 27.35 10.26
CA VAL A 710 -26.53 27.78 10.27
C VAL A 710 -25.95 27.52 11.67
N TYR A 711 -24.89 26.70 11.75
CA TYR A 711 -24.26 26.38 13.03
C TYR A 711 -22.83 26.90 13.04
N SER A 712 -22.40 27.40 14.20
CA SER A 712 -20.99 27.76 14.34
C SER A 712 -20.15 26.48 14.36
N GLY A 713 -18.89 26.62 13.95
CA GLY A 713 -18.00 25.47 14.01
C GLY A 713 -17.91 24.96 15.45
N ALA A 714 -17.90 25.89 16.41
CA ALA A 714 -17.85 25.48 17.81
C ALA A 714 -19.04 24.58 18.16
N GLU A 715 -20.23 24.91 17.66
CA GLU A 715 -21.37 24.06 17.99
C GLU A 715 -21.17 22.63 17.46
N LEU A 716 -20.73 22.52 16.20
CA LEU A 716 -20.63 21.23 15.53
C LEU A 716 -19.52 20.40 16.15
N MET A 717 -18.49 21.09 16.65
CA MET A 717 -17.33 20.39 17.18
C MET A 717 -17.52 20.05 18.66
N TYR A 718 -18.24 20.88 19.42
CA TYR A 718 -18.21 20.69 20.88
C TYR A 718 -19.55 20.22 21.43
N ALA A 719 -20.65 20.50 20.71
CA ALA A 719 -21.96 20.00 21.05
C ALA A 719 -22.28 18.77 20.18
N GLY A 720 -22.19 18.94 18.85
CA GLY A 720 -22.31 17.81 17.94
C GLY A 720 -23.75 17.59 17.46
N LEU A 721 -23.92 16.65 16.52
CA LEU A 721 -25.21 16.36 15.93
C LEU A 721 -25.84 15.19 16.70
N THR A 722 -27.09 15.38 17.15
CA THR A 722 -27.92 14.23 17.47
C THR A 722 -28.29 13.50 16.18
N VAL A 723 -27.85 12.24 16.10
CA VAL A 723 -28.03 11.46 14.88
C VAL A 723 -29.33 10.67 14.99
N ILE A 724 -30.28 10.96 14.09
CA ILE A 724 -31.60 10.33 14.12
C ILE A 724 -31.76 9.33 12.98
N LEU A 725 -32.25 8.13 13.30
CA LEU A 725 -32.59 7.15 12.29
C LEU A 725 -33.94 6.51 12.61
N SER A 726 -34.64 6.07 11.56
CA SER A 726 -35.78 5.16 11.66
C SER A 726 -35.31 3.81 12.19
N GLN A 727 -36.27 2.89 12.40
CA GLN A 727 -36.00 1.50 12.74
C GLN A 727 -35.52 0.72 11.52
N GLY A 728 -34.51 -0.14 11.67
CA GLY A 728 -34.00 -0.90 10.54
C GLY A 728 -32.48 -1.08 10.56
N ASP A 729 -32.04 -2.16 9.90
CA ASP A 729 -30.62 -2.45 9.72
C ASP A 729 -30.03 -1.66 8.55
N PHE A 730 -28.72 -1.36 8.64
CA PHE A 730 -27.92 -0.88 7.52
C PHE A 730 -28.44 0.45 6.99
N LEU A 731 -29.00 1.29 7.88
CA LEU A 731 -29.42 2.61 7.49
C LEU A 731 -28.24 3.57 7.55
N SER A 732 -28.33 4.64 6.75
CA SER A 732 -27.27 5.61 6.65
C SER A 732 -27.86 7.01 6.47
N ARG A 733 -27.06 8.05 6.78
CA ARG A 733 -27.40 9.37 6.30
C ARG A 733 -26.14 10.22 6.14
N GLN A 734 -26.29 11.32 5.42
CA GLN A 734 -25.19 12.20 5.11
C GLN A 734 -25.59 13.62 5.50
N TYR A 735 -24.67 14.32 6.16
CA TYR A 735 -24.86 15.72 6.44
C TYR A 735 -23.93 16.52 5.52
N ILE A 736 -24.47 17.56 4.87
CA ILE A 736 -23.70 18.39 3.95
C ILE A 736 -23.74 19.83 4.43
N PHE A 737 -22.55 20.40 4.68
CA PHE A 737 -22.39 21.76 5.17
C PHE A 737 -21.64 22.62 4.16
N ARG A 738 -22.06 23.90 4.07
CA ARG A 738 -21.29 24.91 3.35
C ARG A 738 -20.91 26.02 4.34
N LYS A 739 -19.60 26.29 4.44
CA LYS A 739 -19.11 27.38 5.25
C LYS A 739 -19.43 28.70 4.54
N LEU A 740 -20.05 29.64 5.24
CA LEU A 740 -20.57 30.85 4.61
C LEU A 740 -19.45 31.88 4.38
C1 GLA B . -10.85 -10.67 -9.76
C2 GLA B . -11.12 -9.17 -9.62
C3 GLA B . -12.60 -8.95 -9.88
C4 GLA B . -12.89 -9.44 -11.30
C5 GLA B . -12.45 -10.91 -11.56
C6 GLA B . -12.52 -11.32 -13.04
O2 GLA B . -10.77 -8.73 -8.32
O3 GLA B . -12.85 -7.55 -9.71
O4 GLA B . -12.21 -8.55 -12.20
O5 GLA B . -11.10 -11.03 -11.12
O6 GLA B . -12.07 -12.68 -13.18
C1 GLC B . -14.09 -15.38 -8.27
C2 GLC B . -13.22 -16.45 -7.58
C3 GLC B . -12.27 -15.80 -6.57
C4 GLC B . -11.52 -14.61 -7.22
C5 GLC B . -12.39 -13.60 -7.98
C6 GLC B . -11.43 -12.80 -8.85
O2 GLC B . -14.06 -17.40 -6.91
O3 GLC B . -11.35 -16.80 -6.12
O4 GLC B . -10.76 -13.90 -6.26
O5 GLC B . -13.33 -14.29 -8.85
O6 GLC B . -11.64 -11.37 -8.77
C1 FRU B . -17.22 -15.08 -9.37
C2 FRU B . -16.64 -14.50 -8.06
C3 FRU B . -17.63 -14.61 -6.89
C4 FRU B . -17.38 -13.34 -6.07
C5 FRU B . -16.89 -12.33 -7.12
C6 FRU B . -15.73 -11.51 -6.58
O1 FRU B . -17.19 -16.53 -9.49
O2 FRU B . -15.36 -15.09 -7.68
O3 FRU B . -17.39 -15.77 -6.07
O4 FRU B . -18.51 -12.92 -5.27
O5 FRU B . -16.41 -13.08 -8.24
O6 FRU B . -15.46 -10.52 -7.55
O1 TLA C . 6.14 12.69 -10.69
O11 TLA C . 4.55 11.18 -11.17
C1 TLA C . 5.76 11.55 -11.09
C2 TLA C . 6.82 10.58 -11.51
O2 TLA C . 8.06 11.27 -11.54
C3 TLA C . 6.46 10.09 -12.92
O3 TLA C . 6.47 11.24 -13.77
C4 TLA C . 7.41 9.01 -13.36
O4 TLA C . 8.13 9.18 -14.38
O41 TLA C . 7.42 7.94 -12.72
O1 TLA D . -11.47 9.00 18.96
O11 TLA D . -12.97 9.13 20.57
C1 TLA D . -12.57 8.66 19.45
C2 TLA D . -13.48 7.69 18.70
O2 TLA D . -14.39 7.06 19.61
C3 TLA D . -12.75 6.60 17.92
O3 TLA D . -11.68 6.07 18.73
C4 TLA D . -13.70 5.49 17.50
O4 TLA D . -13.56 4.36 18.02
O41 TLA D . -14.60 5.71 16.69
C1 EDO E . 13.81 6.95 19.53
O1 EDO E . 14.66 8.07 19.61
C2 EDO E . 14.50 5.82 18.82
O2 EDO E . 15.57 5.32 19.61
C1 EDO F . 10.03 7.29 21.66
O1 EDO F . 9.34 8.49 21.31
C2 EDO F . 11.36 7.55 22.27
O2 EDO F . 11.37 7.85 23.65
C1 EDO G . -28.70 5.90 15.35
O1 EDO G . -29.37 4.95 16.18
C2 EDO G . -27.75 6.83 16.04
O2 EDO G . -28.34 7.75 16.94
C1 EDO H . -31.94 -1.93 -6.07
O1 EDO H . -31.85 -2.00 -4.67
C2 EDO H . -31.13 -2.87 -6.86
O2 EDO H . -29.74 -2.64 -6.72
C ACT I . -33.78 -0.25 -1.22
O ACT I . -32.82 -0.26 -1.99
OXT ACT I . -33.86 0.55 -0.28
CH3 ACT I . -34.93 -1.26 -1.45
#